data_4R27
#
_entry.id   4R27
#
_cell.length_a   48.498
_cell.length_b   146.940
_cell.length_c   53.041
_cell.angle_alpha   90.00
_cell.angle_beta   101.99
_cell.angle_gamma   90.00
#
_symmetry.space_group_name_H-M   'P 1 21 1'
#
loop_
_entity.id
_entity.type
_entity.pdbx_description
1 polymer 'Glycoside hydrolase'
2 water water
#
_entity_poly.entity_id   1
_entity_poly.type   'polypeptide(L)'
_entity_poly.pdbx_seq_one_letter_code
;TPMTNPFPQDFLWGVATAGHQVEGNNVNSDVWFLEHLPGTIFAEPSGDAVDHYHRYREDIALIAGLGFTSYRFSVEWARI
EPEEGHFSVAALDHYKRVLEACREHGLTPVVTFHHFASPLWLLRSGGWEGERTPELFARYCGRVMAHLGDLIGVACTLNE
PNLPWLLESFGIGGEAPENRGKVPMWAAAAQRLGVDASTVAPFQFCSTEAGFNVKLAAHKAATEAIKAHRPDLRVGWTLA
NSDIQSVPGGEEIAAQVRRDVNERFLEASRGDDFVGIQTYGRTVYGPDGHAPAPEGVAVNQMGEEIYPQALEATIREAWR
VAGIPVMVTENGLATEDDTQRVAYLRTAVDGVASCLADGIDVRGYIAWTAFDNFEWIFGYGPKFGLIAVDRSTQERTPKE
SARWLGNFARQQAPAEAPQPAKLAAALEHHHHHH
;
_entity_poly.pdbx_strand_id   A,B
#
# COMPACT_ATOMS: atom_id res chain seq x y z
N ASN A 5 8.85 14.77 43.75
CA ASN A 5 8.76 14.06 42.45
C ASN A 5 9.52 14.81 41.39
N PRO A 6 10.54 14.16 40.78
CA PRO A 6 11.34 14.87 39.77
C PRO A 6 10.74 15.00 38.34
N PHE A 7 9.74 14.19 38.03
CA PHE A 7 8.99 14.27 36.76
C PHE A 7 7.83 15.27 36.81
N PRO A 8 7.82 16.31 35.95
CA PRO A 8 6.64 17.23 35.92
C PRO A 8 5.43 16.56 35.36
N GLN A 9 4.25 17.10 35.64
CA GLN A 9 2.97 16.50 35.19
C GLN A 9 2.90 16.32 33.65
N ASP A 10 3.45 17.26 32.88
CA ASP A 10 3.42 17.15 31.44
C ASP A 10 4.48 16.22 30.82
N PHE A 11 5.31 15.59 31.65
CA PHE A 11 6.29 14.65 31.13
C PHE A 11 5.63 13.49 30.36
N LEU A 12 6.17 13.19 29.20
CA LEU A 12 5.58 12.22 28.32
C LEU A 12 6.08 10.84 28.66
N TRP A 13 5.16 9.89 28.84
CA TRP A 13 5.51 8.48 28.95
C TRP A 13 5.01 7.73 27.72
N GLY A 14 5.89 7.22 26.87
CA GLY A 14 5.38 6.61 25.63
C GLY A 14 6.10 5.36 25.29
N VAL A 15 5.62 4.75 24.22
CA VAL A 15 6.31 3.69 23.48
C VAL A 15 6.39 4.19 22.06
N ALA A 16 7.36 3.71 21.31
CA ALA A 16 7.64 4.20 19.96
C ALA A 16 7.53 3.03 18.97
N THR A 17 7.12 3.35 17.78
CA THR A 17 7.26 2.42 16.62
C THR A 17 7.84 3.13 15.40
N ALA A 18 8.25 2.37 14.39
CA ALA A 18 8.59 3.01 13.13
C ALA A 18 7.76 2.28 12.10
N GLY A 19 7.21 3.04 11.16
CA GLY A 19 6.27 2.54 10.17
C GLY A 19 6.69 1.32 9.43
N HIS A 20 7.90 1.30 8.93
CA HIS A 20 8.36 0.14 8.19
C HIS A 20 8.43 -1.07 9.10
N GLN A 21 8.68 -0.84 10.38
CA GLN A 21 8.97 -1.95 11.32
C GLN A 21 7.70 -2.64 11.83
N VAL A 22 6.56 -1.96 11.73
CA VAL A 22 5.26 -2.46 12.32
C VAL A 22 4.08 -2.50 11.38
N GLU A 23 4.07 -1.70 10.31
CA GLU A 23 2.83 -1.41 9.57
C GLU A 23 2.44 -2.60 8.69
N GLY A 24 3.42 -3.16 8.03
CA GLY A 24 3.18 -4.11 6.99
C GLY A 24 2.92 -3.45 5.67
N ASN A 25 3.29 -4.19 4.62
CA ASN A 25 3.05 -3.80 3.24
C ASN A 25 3.57 -2.39 2.94
N ASN A 26 4.80 -2.11 3.33
CA ASN A 26 5.42 -0.78 2.98
C ASN A 26 6.13 -0.92 1.63
N VAL A 27 5.32 -1.34 0.63
CA VAL A 27 5.81 -1.95 -0.64
C VAL A 27 6.46 -0.96 -1.58
N ASN A 28 6.20 0.32 -1.31
CA ASN A 28 6.79 1.40 -2.11
C ASN A 28 8.08 1.99 -1.52
N SER A 29 8.49 1.44 -0.38
CA SER A 29 9.66 1.92 0.32
C SER A 29 10.97 1.46 -0.34
N ASP A 30 12.02 2.21 -0.10
CA ASP A 30 13.34 1.68 -0.38
C ASP A 30 13.76 0.43 0.41
N VAL A 31 13.44 0.37 1.67
CA VAL A 31 13.81 -0.77 2.47
C VAL A 31 13.17 -2.03 1.95
N TRP A 32 11.91 -1.98 1.57
CA TRP A 32 11.23 -3.12 0.96
C TRP A 32 11.98 -3.64 -0.23
N PHE A 33 12.29 -2.70 -1.13
CA PHE A 33 13.05 -2.97 -2.32
C PHE A 33 14.40 -3.63 -1.98
N LEU A 34 15.10 -3.08 -1.00
CA LEU A 34 16.38 -3.65 -0.59
C LEU A 34 16.18 -5.08 -0.01
N GLU A 35 15.06 -5.34 0.67
CA GLU A 35 14.83 -6.67 1.24
C GLU A 35 14.72 -7.80 0.21
N HIS A 36 14.35 -7.46 -1.00
CA HIS A 36 14.06 -8.46 -2.01
C HIS A 36 15.15 -8.49 -3.13
N LEU A 37 16.21 -7.70 -2.99
CA LEU A 37 17.31 -7.76 -3.95
C LEU A 37 18.18 -8.98 -3.77
N PRO A 38 18.66 -9.57 -4.90
CA PRO A 38 19.55 -10.76 -4.85
C PRO A 38 20.69 -10.65 -3.86
N GLY A 39 21.43 -9.56 -3.87
CA GLY A 39 22.57 -9.55 -2.93
C GLY A 39 22.34 -9.06 -1.50
N THR A 40 21.10 -9.19 -0.99
CA THR A 40 20.67 -8.40 0.16
C THR A 40 21.32 -8.82 1.47
N ILE A 41 21.57 -7.82 2.32
CA ILE A 41 22.04 -7.98 3.71
C ILE A 41 20.84 -8.10 4.67
N PHE A 42 19.63 -7.94 4.16
CA PHE A 42 18.46 -8.18 4.99
C PHE A 42 18.24 -9.65 5.13
N ALA A 43 18.19 -10.14 6.36
CA ALA A 43 18.08 -11.57 6.62
C ALA A 43 16.74 -12.14 6.14
N GLU A 44 15.63 -11.41 6.32
CA GLU A 44 14.29 -11.79 5.81
C GLU A 44 13.41 -10.54 5.47
N PRO A 45 12.38 -10.72 4.65
CA PRO A 45 11.51 -9.59 4.30
C PRO A 45 10.61 -9.17 5.47
N SER A 46 10.21 -7.90 5.42
CA SER A 46 9.36 -7.35 6.45
C SER A 46 7.92 -7.90 6.28
N GLY A 47 7.50 -8.13 5.03
CA GLY A 47 6.13 -8.56 4.67
C GLY A 47 5.07 -7.76 5.42
N ASP A 48 4.21 -8.46 6.17
CA ASP A 48 3.15 -7.86 6.94
C ASP A 48 3.58 -7.21 8.26
N ALA A 49 4.81 -7.44 8.71
CA ALA A 49 5.16 -6.97 10.01
C ALA A 49 4.07 -7.35 11.06
N VAL A 50 3.60 -6.40 11.89
CA VAL A 50 2.51 -6.73 12.81
C VAL A 50 1.17 -6.18 12.33
N ASP A 51 1.12 -5.75 11.08
CA ASP A 51 -0.09 -5.20 10.52
C ASP A 51 -0.59 -4.02 11.34
N HIS A 52 0.32 -3.22 11.88
CA HIS A 52 -0.15 -1.98 12.54
C HIS A 52 -0.96 -1.09 11.56
N TYR A 53 -0.73 -1.16 10.26
CA TYR A 53 -1.50 -0.29 9.31
C TYR A 53 -3.02 -0.46 9.52
N HIS A 54 -3.48 -1.70 9.71
CA HIS A 54 -4.93 -1.93 9.87
C HIS A 54 -5.40 -1.99 11.32
N ARG A 55 -4.49 -2.24 12.25
CA ARG A 55 -4.82 -2.56 13.63
C ARG A 55 -4.53 -1.49 14.64
N TYR A 56 -4.23 -0.33 14.12
CA TYR A 56 -3.70 0.75 14.98
C TYR A 56 -4.71 1.15 16.06
N ARG A 57 -5.99 1.07 15.76
CA ARG A 57 -7.00 1.49 16.76
C ARG A 57 -6.94 0.69 18.05
N GLU A 58 -6.99 -0.63 17.89
CA GLU A 58 -6.83 -1.58 19.02
C GLU A 58 -5.44 -1.45 19.66
N ASP A 59 -4.37 -1.23 18.85
CA ASP A 59 -3.01 -1.03 19.40
C ASP A 59 -2.92 0.21 20.27
N ILE A 60 -3.38 1.35 19.75
CA ILE A 60 -3.55 2.55 20.59
C ILE A 60 -4.39 2.39 21.86
N ALA A 61 -5.56 1.79 21.77
CA ALA A 61 -6.37 1.51 22.92
C ALA A 61 -5.60 0.58 23.89
N LEU A 62 -4.89 -0.43 23.39
CA LEU A 62 -4.10 -1.26 24.30
C LEU A 62 -3.04 -0.44 25.07
N ILE A 63 -2.33 0.39 24.33
CA ILE A 63 -1.22 1.17 24.86
C ILE A 63 -1.74 2.15 25.91
N ALA A 64 -2.80 2.86 25.54
CA ALA A 64 -3.39 3.84 26.45
C ALA A 64 -3.95 3.12 27.70
N GLY A 65 -4.50 1.93 27.51
CA GLY A 65 -5.02 1.16 28.67
C GLY A 65 -3.92 0.79 29.65
N LEU A 66 -2.71 0.65 29.16
CA LEU A 66 -1.58 0.21 30.01
C LEU A 66 -1.07 1.37 30.87
N GLY A 67 -1.58 2.57 30.60
CA GLY A 67 -1.23 3.77 31.32
C GLY A 67 -0.23 4.70 30.61
N PHE A 68 0.28 4.35 29.43
CA PHE A 68 1.12 5.31 28.68
C PHE A 68 0.37 6.60 28.35
N THR A 69 1.13 7.69 28.16
CA THR A 69 0.44 9.00 27.94
C THR A 69 0.81 9.59 26.58
N SER A 70 1.61 8.85 25.83
CA SER A 70 2.17 9.29 24.58
C SER A 70 2.42 8.12 23.61
N TYR A 71 2.40 8.39 22.32
CA TYR A 71 2.71 7.35 21.33
C TYR A 71 3.52 7.99 20.19
N ARG A 72 4.71 7.45 19.94
CA ARG A 72 5.56 7.92 18.90
C ARG A 72 5.48 6.90 17.74
N PHE A 73 5.27 7.40 16.52
CA PHE A 73 5.15 6.58 15.30
C PHE A 73 5.53 7.43 14.10
N SER A 74 5.86 6.77 13.01
CA SER A 74 6.22 7.49 11.80
C SER A 74 5.05 7.66 10.86
N VAL A 75 5.07 8.78 10.11
CA VAL A 75 4.31 8.86 8.88
C VAL A 75 5.26 8.46 7.74
N GLU A 76 4.76 7.64 6.85
CA GLU A 76 5.63 7.06 5.84
C GLU A 76 5.51 7.76 4.50
N TRP A 77 6.62 8.38 4.16
CA TRP A 77 6.76 9.18 2.94
C TRP A 77 6.49 8.26 1.74
N ALA A 78 6.95 7.00 1.82
CA ALA A 78 6.69 6.07 0.74
C ALA A 78 5.19 5.91 0.44
N ARG A 79 4.34 6.14 1.45
CA ARG A 79 2.86 6.01 1.26
C ARG A 79 2.23 7.39 0.84
N ILE A 80 2.75 8.48 1.44
CA ILE A 80 2.23 9.84 1.28
C ILE A 80 2.52 10.38 -0.11
N GLU A 81 3.74 10.21 -0.61
CA GLU A 81 4.07 10.64 -1.98
C GLU A 81 4.57 9.43 -2.78
N PRO A 82 3.63 8.63 -3.27
CA PRO A 82 4.10 7.30 -3.78
C PRO A 82 4.93 7.40 -5.08
N GLU A 83 4.75 8.48 -5.84
CA GLU A 83 5.62 8.84 -6.98
C GLU A 83 5.84 10.34 -6.82
N GLU A 84 7.01 10.83 -7.22
CA GLU A 84 7.37 12.26 -7.08
C GLU A 84 6.29 13.21 -7.60
N GLY A 85 5.81 14.10 -6.72
CA GLY A 85 4.75 15.09 -7.08
C GLY A 85 3.31 14.57 -7.04
N HIS A 86 3.07 13.27 -6.71
CA HIS A 86 1.69 12.74 -6.69
C HIS A 86 1.28 12.36 -5.26
N PHE A 87 0.77 13.29 -4.50
CA PHE A 87 0.51 13.07 -3.09
C PHE A 87 -0.75 12.27 -2.91
N SER A 88 -0.79 11.40 -1.91
CA SER A 88 -1.95 10.60 -1.66
C SER A 88 -2.73 11.12 -0.49
N VAL A 89 -3.89 11.71 -0.79
CA VAL A 89 -4.79 12.21 0.25
C VAL A 89 -5.35 10.98 1.03
N ALA A 90 -5.57 9.86 0.33
CA ALA A 90 -6.00 8.61 0.95
C ALA A 90 -5.01 8.18 2.05
N ALA A 91 -3.73 8.21 1.78
CA ALA A 91 -2.76 7.81 2.83
C ALA A 91 -2.70 8.87 3.93
N LEU A 92 -2.79 10.13 3.56
CA LEU A 92 -2.75 11.22 4.58
C LEU A 92 -3.98 11.06 5.53
N ASP A 93 -5.13 10.67 4.98
CA ASP A 93 -6.34 10.41 5.79
C ASP A 93 -6.15 9.20 6.72
N HIS A 94 -5.35 8.22 6.29
CA HIS A 94 -5.04 7.08 7.13
C HIS A 94 -4.35 7.58 8.39
N TYR A 95 -3.36 8.45 8.20
CA TYR A 95 -2.57 8.90 9.34
C TYR A 95 -3.33 9.90 10.16
N LYS A 96 -4.30 10.58 9.55
CA LYS A 96 -5.18 11.44 10.35
C LYS A 96 -6.09 10.61 11.32
N ARG A 97 -6.67 9.52 10.84
CA ARG A 97 -7.36 8.57 11.72
C ARG A 97 -6.48 7.95 12.80
N VAL A 98 -5.21 7.72 12.51
CA VAL A 98 -4.27 7.28 13.55
C VAL A 98 -4.15 8.36 14.62
N LEU A 99 -3.94 9.60 14.21
CA LEU A 99 -3.82 10.68 15.19
C LEU A 99 -5.11 10.93 15.99
N GLU A 100 -6.25 10.83 15.32
CA GLU A 100 -7.55 10.86 15.96
C GLU A 100 -7.75 9.75 16.96
N ALA A 101 -7.30 8.55 16.64
CA ALA A 101 -7.32 7.49 17.63
C ALA A 101 -6.48 7.85 18.86
N CYS A 102 -5.31 8.46 18.64
CA CYS A 102 -4.47 8.79 19.75
C CYS A 102 -5.24 9.75 20.65
N ARG A 103 -5.76 10.80 20.02
CA ARG A 103 -6.45 11.85 20.72
C ARG A 103 -7.73 11.36 21.52
N GLU A 104 -8.53 10.50 20.93
CA GLU A 104 -9.67 9.82 21.60
C GLU A 104 -9.20 8.97 22.79
N HIS A 105 -7.94 8.58 22.82
CA HIS A 105 -7.43 7.80 23.96
C HIS A 105 -6.51 8.60 24.87
N GLY A 106 -6.48 9.92 24.69
CA GLY A 106 -5.66 10.81 25.51
C GLY A 106 -4.19 10.71 25.19
N LEU A 107 -3.74 10.07 24.12
CA LEU A 107 -2.26 9.95 23.95
C LEU A 107 -1.72 11.18 23.19
N THR A 108 -0.64 11.80 23.65
CA THR A 108 0.04 12.86 22.89
C THR A 108 0.79 12.14 21.78
N PRO A 109 0.54 12.52 20.53
CA PRO A 109 1.22 11.88 19.47
C PRO A 109 2.58 12.54 19.17
N VAL A 110 3.63 11.74 19.18
CA VAL A 110 4.97 12.13 18.79
C VAL A 110 5.22 11.52 17.43
N VAL A 111 5.12 12.40 16.42
CA VAL A 111 5.18 12.03 15.00
C VAL A 111 6.54 12.24 14.36
N THR A 112 7.12 11.15 13.91
CA THR A 112 8.39 11.14 13.24
C THR A 112 8.10 11.23 11.75
N PHE A 113 8.53 12.31 11.12
CA PHE A 113 8.17 12.52 9.72
C PHE A 113 8.92 11.59 8.77
N HIS A 114 10.07 11.12 9.23
CA HIS A 114 10.91 10.19 8.48
C HIS A 114 11.69 9.29 9.43
N HIS A 115 11.61 7.99 9.15
CA HIS A 115 12.22 6.96 9.94
C HIS A 115 12.82 5.94 9.05
N PHE A 116 14.00 6.35 8.52
CA PHE A 116 14.85 5.58 7.59
C PHE A 116 14.23 5.32 6.24
N ALA A 117 13.04 4.73 6.20
CA ALA A 117 12.44 4.32 4.91
C ALA A 117 11.98 5.51 4.09
N SER A 118 12.29 5.51 2.79
CA SER A 118 11.96 6.60 1.86
C SER A 118 11.16 6.02 0.73
N PRO A 119 10.36 6.83 0.04
CA PRO A 119 9.88 6.33 -1.27
C PRO A 119 11.03 5.85 -2.13
N LEU A 120 10.79 4.75 -2.81
CA LEU A 120 11.84 4.14 -3.62
C LEU A 120 12.34 5.11 -4.75
N TRP A 121 11.44 5.94 -5.28
CA TRP A 121 11.83 6.86 -6.33
C TRP A 121 12.91 7.84 -5.92
N LEU A 122 12.98 8.21 -4.64
CA LEU A 122 14.02 9.13 -4.13
C LEU A 122 15.45 8.62 -4.42
N LEU A 123 15.65 7.33 -4.30
CA LEU A 123 16.92 6.69 -4.66
C LEU A 123 17.38 6.88 -6.14
N ARG A 124 16.52 7.38 -7.02
CA ARG A 124 16.90 7.73 -8.38
C ARG A 124 17.46 9.15 -8.55
N SER A 125 17.24 10.02 -7.56
CA SER A 125 17.77 11.37 -7.53
C SER A 125 18.89 11.47 -6.51
N GLY A 126 19.61 10.37 -6.30
CA GLY A 126 20.74 10.40 -5.39
C GLY A 126 20.42 10.18 -3.93
N GLY A 127 19.13 10.03 -3.61
CA GLY A 127 18.75 9.63 -2.27
C GLY A 127 19.11 10.69 -1.25
N TRP A 128 19.72 10.27 -0.14
CA TRP A 128 20.05 11.22 0.95
C TRP A 128 21.37 11.98 0.76
N GLU A 129 21.92 11.91 -0.45
CA GLU A 129 22.93 12.87 -0.93
C GLU A 129 22.44 13.81 -2.04
N GLY A 130 21.22 13.63 -2.54
CA GLY A 130 20.70 14.45 -3.62
C GLY A 130 20.37 15.88 -3.24
N GLU A 131 20.68 16.86 -4.09
CA GLU A 131 20.45 18.28 -3.71
C GLU A 131 18.96 18.70 -3.66
N ARG A 132 18.08 17.90 -4.27
CA ARG A 132 16.64 18.20 -4.24
C ARG A 132 15.97 17.61 -3.00
N THR A 133 16.66 16.68 -2.34
CA THR A 133 16.06 15.98 -1.18
C THR A 133 15.60 16.91 -0.06
N PRO A 134 16.44 17.87 0.34
CA PRO A 134 16.02 18.79 1.38
C PRO A 134 14.69 19.42 1.07
N GLU A 135 14.48 19.97 -0.16
CA GLU A 135 13.19 20.65 -0.47
C GLU A 135 12.02 19.71 -0.74
N LEU A 136 12.26 18.55 -1.36
CA LEU A 136 11.20 17.56 -1.54
C LEU A 136 10.69 17.06 -0.17
N PHE A 137 11.63 16.81 0.74
CA PHE A 137 11.28 16.43 2.14
C PHE A 137 10.44 17.46 2.83
N ALA A 138 10.90 18.71 2.75
CA ALA A 138 10.19 19.86 3.29
C ALA A 138 8.79 20.04 2.65
N ARG A 139 8.69 19.95 1.32
CA ARG A 139 7.39 19.96 0.63
C ARG A 139 6.45 18.84 1.17
N TYR A 140 7.01 17.63 1.27
CA TYR A 140 6.36 16.50 1.86
C TYR A 140 5.89 16.81 3.27
N CYS A 141 6.77 17.33 4.11
CA CYS A 141 6.35 17.67 5.48
C CYS A 141 5.25 18.71 5.51
N GLY A 142 5.29 19.71 4.61
CA GLY A 142 4.18 20.71 4.53
C GLY A 142 2.81 20.09 4.19
N ARG A 143 2.85 19.11 3.27
CA ARG A 143 1.67 18.40 2.88
C ARG A 143 1.09 17.62 3.99
N VAL A 144 1.92 16.96 4.81
CA VAL A 144 1.33 16.25 5.96
C VAL A 144 0.75 17.22 6.96
N MET A 145 1.47 18.28 7.23
CA MET A 145 0.92 19.33 8.13
C MET A 145 -0.40 19.95 7.61
N ALA A 146 -0.44 20.25 6.32
CA ALA A 146 -1.65 20.78 5.69
C ALA A 146 -2.87 19.94 6.06
N HIS A 147 -2.73 18.62 6.02
CA HIS A 147 -3.86 17.73 6.18
C HIS A 147 -4.10 17.37 7.64
N LEU A 148 -3.09 17.25 8.50
CA LEU A 148 -3.37 16.73 9.86
C LEU A 148 -2.51 17.37 10.96
N GLY A 149 -1.84 18.45 10.57
CA GLY A 149 -0.92 19.18 11.43
C GLY A 149 -1.53 19.59 12.76
N ASP A 150 -2.81 19.89 12.78
CA ASP A 150 -3.43 20.33 14.03
C ASP A 150 -3.46 19.26 15.08
N LEU A 151 -3.28 18.02 14.66
CA LEU A 151 -3.47 16.91 15.55
C LEU A 151 -2.17 16.37 16.13
N ILE A 152 -1.04 16.87 15.67
CA ILE A 152 0.29 16.38 16.15
C ILE A 152 0.69 16.99 17.53
N GLY A 153 1.19 16.21 18.45
CA GLY A 153 1.64 16.75 19.75
C GLY A 153 3.05 17.34 19.66
N VAL A 154 3.96 16.55 19.13
CA VAL A 154 5.37 16.88 19.00
C VAL A 154 5.90 16.31 17.67
N ALA A 155 6.76 17.07 16.98
CA ALA A 155 7.33 16.63 15.72
C ALA A 155 8.80 16.26 15.78
N CYS A 156 9.15 15.07 15.28
CA CYS A 156 10.54 14.64 14.98
C CYS A 156 10.63 14.64 13.48
N THR A 157 11.54 15.47 12.95
CA THR A 157 11.79 15.53 11.51
C THR A 157 12.42 14.24 11.00
N LEU A 158 13.67 13.96 11.42
CA LEU A 158 14.43 12.82 10.98
C LEU A 158 14.82 11.94 12.14
N ASN A 159 14.72 10.63 11.94
CA ASN A 159 15.26 9.66 12.87
C ASN A 159 16.75 9.33 12.64
N GLU A 160 17.62 9.60 13.64
CA GLU A 160 19.03 9.12 13.67
C GLU A 160 19.85 9.40 12.43
N PRO A 161 19.88 10.68 12.04
CA PRO A 161 20.72 11.00 10.90
C PRO A 161 22.15 10.55 11.06
N ASN A 162 22.59 10.37 12.32
CA ASN A 162 23.99 10.06 12.59
C ASN A 162 24.31 8.58 12.68
N LEU A 163 23.29 7.73 12.60
CA LEU A 163 23.47 6.32 12.74
C LEU A 163 24.57 5.79 11.84
N PRO A 164 24.56 6.17 10.56
CA PRO A 164 25.54 5.45 9.76
C PRO A 164 26.97 5.89 10.05
N TRP A 165 27.15 7.06 10.67
CA TRP A 165 28.51 7.45 11.06
C TRP A 165 28.95 6.52 12.16
N LEU A 166 28.04 6.15 13.05
CA LEU A 166 28.38 5.18 14.12
C LEU A 166 28.58 3.75 13.60
N LEU A 167 27.75 3.34 12.64
CA LEU A 167 27.92 2.00 12.02
C LEU A 167 29.26 1.87 11.27
N GLU A 168 29.65 2.95 10.55
CA GLU A 168 30.97 3.06 9.88
C GLU A 168 32.10 2.79 10.86
N SER A 169 32.03 3.38 12.06
CA SER A 169 33.04 3.03 13.06
C SER A 169 33.04 1.54 13.44
N PHE A 170 32.09 0.77 13.00
CA PHE A 170 32.19 -0.63 13.28
C PHE A 170 33.13 -1.35 12.31
N GLY A 171 33.11 -0.99 11.03
CA GLY A 171 32.01 -0.32 10.38
C GLY A 171 31.48 -1.16 9.26
N ILE A 172 30.15 -1.23 9.32
CA ILE A 172 29.36 -2.00 8.46
C ILE A 172 29.42 -1.29 7.14
N GLY A 173 29.30 0.02 7.20
CA GLY A 173 29.09 0.71 5.97
C GLY A 173 30.15 1.71 5.65
N GLY A 174 29.70 2.81 5.08
CA GLY A 174 30.58 3.90 4.77
C GLY A 174 31.73 3.57 3.86
N GLU A 175 31.47 2.83 2.82
CA GLU A 175 32.37 2.76 1.66
C GLU A 175 32.39 4.12 1.03
N ALA A 176 33.44 4.43 0.30
CA ALA A 176 33.42 5.67 -0.47
C ALA A 176 32.37 5.53 -1.57
N PRO A 177 31.73 6.66 -1.95
CA PRO A 177 30.75 6.62 -2.98
C PRO A 177 31.29 5.89 -4.21
N GLU A 178 32.48 6.30 -4.65
CA GLU A 178 33.22 5.65 -5.74
C GLU A 178 33.49 4.17 -5.52
N ASN A 179 33.07 3.60 -4.39
CA ASN A 179 33.29 2.18 -4.13
C ASN A 179 32.03 1.44 -3.76
N ARG A 180 30.88 2.13 -3.74
CA ARG A 180 29.59 1.47 -3.38
C ARG A 180 29.33 0.28 -4.36
N GLY A 181 29.72 0.44 -5.64
CA GLY A 181 29.60 -0.66 -6.64
C GLY A 181 30.07 -2.06 -6.21
N LYS A 182 31.04 -2.14 -5.30
CA LYS A 182 31.61 -3.46 -4.97
C LYS A 182 30.80 -4.21 -3.91
N VAL A 183 29.86 -3.56 -3.22
CA VAL A 183 28.97 -4.36 -2.37
C VAL A 183 27.79 -4.80 -3.25
N PRO A 184 27.52 -6.10 -3.25
CA PRO A 184 26.48 -6.63 -4.13
C PRO A 184 25.17 -5.79 -4.06
N MET A 185 24.71 -5.59 -2.83
CA MET A 185 23.42 -4.98 -2.63
C MET A 185 23.36 -3.70 -3.43
N TRP A 186 24.36 -2.84 -3.34
CA TRP A 186 24.30 -1.56 -4.02
C TRP A 186 24.37 -1.71 -5.55
N ALA A 187 25.15 -2.66 -6.01
CA ALA A 187 25.34 -2.86 -7.45
C ALA A 187 23.95 -3.18 -8.07
N ALA A 188 23.25 -4.14 -7.45
CA ALA A 188 21.91 -4.55 -7.86
C ALA A 188 20.96 -3.34 -7.77
N ALA A 189 20.92 -2.73 -6.60
CA ALA A 189 20.08 -1.59 -6.41
C ALA A 189 20.18 -0.67 -7.61
N ALA A 190 21.40 -0.27 -7.95
CA ALA A 190 21.63 0.77 -9.00
C ALA A 190 21.14 0.29 -10.33
N GLN A 191 21.40 -0.99 -10.59
CA GLN A 191 21.04 -1.58 -11.85
C GLN A 191 19.55 -1.39 -12.08
N ARG A 192 18.72 -1.81 -11.13
CA ARG A 192 17.28 -1.73 -11.37
C ARG A 192 16.74 -0.30 -11.23
N LEU A 193 17.46 0.54 -10.54
CA LEU A 193 17.05 1.89 -10.51
C LEU A 193 17.44 2.60 -11.82
N GLY A 194 18.32 1.95 -12.59
CA GLY A 194 18.86 2.52 -13.86
C GLY A 194 19.84 3.65 -13.61
N VAL A 195 20.66 3.50 -12.58
CA VAL A 195 21.43 4.60 -12.05
C VAL A 195 22.80 4.08 -11.65
N ASP A 196 23.76 4.98 -11.44
CA ASP A 196 25.12 4.52 -11.03
C ASP A 196 25.19 4.18 -9.51
N ALA A 197 25.81 3.05 -9.16
CA ALA A 197 25.93 2.63 -7.76
C ALA A 197 26.56 3.68 -6.83
N SER A 198 27.43 4.51 -7.35
CA SER A 198 27.99 5.52 -6.49
C SER A 198 26.93 6.53 -6.04
N THR A 199 25.75 6.48 -6.65
CA THR A 199 24.73 7.47 -6.41
C THR A 199 23.58 6.93 -5.51
N VAL A 200 23.67 5.64 -5.14
CA VAL A 200 22.71 4.93 -4.27
C VAL A 200 23.00 5.17 -2.79
N ALA A 201 22.08 5.83 -2.11
CA ALA A 201 22.29 6.30 -0.75
C ALA A 201 20.97 6.41 0.04
N PRO A 202 20.45 5.29 0.47
CA PRO A 202 19.35 5.34 1.44
C PRO A 202 19.82 6.00 2.75
N PHE A 203 18.88 6.49 3.55
CA PHE A 203 19.17 7.39 4.71
C PHE A 203 20.20 6.79 5.66
N GLN A 204 19.89 5.58 6.10
CA GLN A 204 20.58 4.91 7.16
C GLN A 204 21.94 4.34 6.77
N PHE A 205 22.38 4.52 5.55
CA PHE A 205 23.71 4.01 5.11
C PHE A 205 24.65 5.13 4.70
N CYS A 206 24.13 6.34 4.64
CA CYS A 206 24.84 7.47 4.07
C CYS A 206 25.62 8.25 5.16
N SER A 207 26.96 8.15 5.14
CA SER A 207 27.86 8.81 6.13
C SER A 207 28.91 9.68 5.43
N THR A 208 28.44 10.52 4.53
CA THR A 208 29.22 11.18 3.55
C THR A 208 29.01 12.64 3.94
N GLU A 209 29.91 13.56 3.57
CA GLU A 209 29.69 14.98 3.85
C GLU A 209 28.49 15.53 3.07
N ALA A 210 28.32 15.04 1.84
CA ALA A 210 27.09 15.36 1.08
C ALA A 210 25.85 15.01 1.96
N GLY A 211 25.87 13.81 2.52
CA GLY A 211 24.79 13.25 3.31
C GLY A 211 24.62 14.04 4.59
N PHE A 212 25.74 14.52 5.16
CA PHE A 212 25.58 15.34 6.32
C PHE A 212 24.86 16.62 5.94
N ASN A 213 25.25 17.20 4.82
CA ASN A 213 24.70 18.50 4.48
C ASN A 213 23.24 18.39 4.07
N VAL A 214 22.92 17.35 3.36
CA VAL A 214 21.57 17.04 2.92
C VAL A 214 20.64 16.73 4.06
N LYS A 215 21.14 16.04 5.07
CA LYS A 215 20.34 15.71 6.23
C LYS A 215 20.01 16.93 7.01
N LEU A 216 21.06 17.73 7.26
CA LEU A 216 20.91 18.97 8.00
C LEU A 216 20.01 19.99 7.32
N ALA A 217 20.19 20.20 6.01
CA ALA A 217 19.31 21.10 5.25
C ALA A 217 17.83 20.61 5.28
N ALA A 218 17.65 19.29 5.21
CA ALA A 218 16.31 18.68 5.22
C ALA A 218 15.66 18.90 6.58
N HIS A 219 16.45 18.73 7.63
CA HIS A 219 16.00 19.04 8.97
C HIS A 219 15.63 20.51 9.01
N LYS A 220 16.57 21.36 8.63
CA LYS A 220 16.31 22.79 8.67
C LYS A 220 15.05 23.17 7.82
N ALA A 221 14.96 22.68 6.58
CA ALA A 221 13.84 23.11 5.71
C ALA A 221 12.51 22.52 6.21
N ALA A 222 12.56 21.32 6.76
CA ALA A 222 11.35 20.68 7.34
C ALA A 222 10.88 21.40 8.57
N THR A 223 11.80 21.82 9.45
CA THR A 223 11.38 22.58 10.66
C THR A 223 10.59 23.85 10.26
N GLU A 224 11.14 24.55 9.29
CA GLU A 224 10.53 25.76 8.77
C GLU A 224 9.15 25.44 8.14
N ALA A 225 9.06 24.39 7.34
CA ALA A 225 7.77 23.98 6.79
C ALA A 225 6.72 23.70 7.84
N ILE A 226 7.16 23.02 8.90
CA ILE A 226 6.31 22.67 10.00
C ILE A 226 5.86 23.89 10.81
N LYS A 227 6.81 24.78 11.10
CA LYS A 227 6.55 26.05 11.81
C LYS A 227 5.57 26.96 11.04
N ALA A 228 5.59 26.87 9.73
CA ALA A 228 4.67 27.66 8.91
C ALA A 228 3.22 27.29 9.15
N HIS A 229 2.95 26.05 9.56
CA HIS A 229 1.62 25.61 9.89
C HIS A 229 1.31 25.81 11.38
N ARG A 230 2.19 25.32 12.25
CA ARG A 230 2.02 25.40 13.69
C ARG A 230 3.28 25.95 14.32
N PRO A 231 3.36 27.26 14.44
CA PRO A 231 4.55 27.89 15.01
C PRO A 231 4.78 27.49 16.49
N ASP A 232 3.69 27.07 17.14
CA ASP A 232 3.70 26.64 18.51
C ASP A 232 4.15 25.19 18.66
N LEU A 233 4.36 24.46 17.57
CA LEU A 233 4.50 23.01 17.76
C LEU A 233 6.02 22.76 17.85
N ARG A 234 6.46 22.07 18.91
CA ARG A 234 7.88 21.82 19.18
C ARG A 234 8.39 20.78 18.20
N VAL A 235 9.57 21.08 17.61
CA VAL A 235 10.21 20.27 16.58
C VAL A 235 11.69 20.03 16.95
N GLY A 236 12.16 18.83 16.63
CA GLY A 236 13.57 18.44 16.77
C GLY A 236 13.80 17.23 15.88
N TRP A 237 15.05 16.75 15.79
CA TRP A 237 15.36 15.45 15.22
C TRP A 237 15.87 14.58 16.35
N THR A 238 16.11 13.31 16.02
CA THR A 238 16.55 12.35 17.02
C THR A 238 17.88 11.81 16.61
N LEU A 239 18.67 11.52 17.62
CA LEU A 239 20.08 11.12 17.44
C LEU A 239 20.40 9.76 18.06
N ALA A 240 21.27 9.05 17.35
CA ALA A 240 21.70 7.74 17.73
C ALA A 240 23.03 8.02 18.45
N ASN A 241 22.88 8.47 19.68
CA ASN A 241 23.95 8.87 20.54
C ASN A 241 24.14 7.79 21.60
N SER A 242 25.17 6.99 21.41
CA SER A 242 25.67 6.01 22.38
C SER A 242 26.60 6.70 23.40
N ASP A 243 26.73 6.11 24.57
CA ASP A 243 27.75 6.45 25.56
C ASP A 243 29.15 5.93 25.11
N ILE A 244 29.95 6.81 24.51
CA ILE A 244 31.21 6.34 23.92
C ILE A 244 32.28 6.22 25.01
N GLN A 245 32.93 5.06 25.09
CA GLN A 245 34.03 4.89 26.05
C GLN A 245 35.23 4.29 25.35
N SER A 246 36.33 4.16 26.07
CA SER A 246 37.55 3.50 25.55
C SER A 246 38.20 2.56 26.57
N VAL A 247 39.04 1.69 26.04
CA VAL A 247 40.07 1.00 26.84
C VAL A 247 41.43 1.48 26.25
N PRO A 248 42.55 1.13 26.93
CA PRO A 248 43.83 1.68 26.49
C PRO A 248 44.17 1.31 25.07
N GLY A 249 44.62 2.30 24.29
CA GLY A 249 44.82 2.14 22.85
C GLY A 249 43.67 2.71 22.03
N GLY A 250 42.47 2.78 22.62
CA GLY A 250 41.32 3.33 21.91
C GLY A 250 40.89 4.76 22.21
N GLU A 251 41.73 5.55 22.90
CA GLU A 251 41.29 6.88 23.43
C GLU A 251 41.02 7.84 22.32
N GLU A 252 41.84 7.77 21.29
CA GLU A 252 41.76 8.74 20.24
C GLU A 252 40.65 8.33 19.29
N ILE A 253 40.54 7.04 19.03
CA ILE A 253 39.45 6.52 18.19
C ILE A 253 38.07 6.83 18.84
N ALA A 254 37.92 6.51 20.12
CA ALA A 254 36.73 6.93 20.89
C ALA A 254 36.43 8.41 20.79
N ALA A 255 37.45 9.25 20.93
CA ALA A 255 37.27 10.71 20.84
C ALA A 255 36.77 11.14 19.46
N GLN A 256 37.38 10.60 18.42
CA GLN A 256 37.02 10.86 17.02
C GLN A 256 35.53 10.51 16.82
N VAL A 257 35.14 9.33 17.31
CA VAL A 257 33.78 8.85 17.17
C VAL A 257 32.79 9.71 17.96
N ARG A 258 33.06 9.96 19.24
CA ARG A 258 32.23 10.87 20.03
C ARG A 258 32.03 12.22 19.32
N ARG A 259 33.09 12.71 18.71
CA ARG A 259 33.06 14.00 18.00
C ARG A 259 32.21 14.02 16.72
N ASP A 260 32.40 13.02 15.86
CA ASP A 260 31.76 12.97 14.53
C ASP A 260 30.28 12.52 14.54
N VAL A 261 29.99 11.55 15.40
CA VAL A 261 28.65 10.97 15.60
C VAL A 261 27.83 11.76 16.60
N ASN A 262 28.34 12.03 17.81
CA ASN A 262 27.54 12.72 18.82
C ASN A 262 27.60 14.23 18.83
N GLU A 263 28.79 14.80 19.00
CA GLU A 263 28.89 16.22 19.31
C GLU A 263 28.58 17.03 18.07
N ARG A 264 29.04 16.60 16.92
CA ARG A 264 28.78 17.34 15.68
C ARG A 264 27.25 17.47 15.46
N PHE A 265 26.48 16.42 15.73
CA PHE A 265 25.02 16.52 15.53
C PHE A 265 24.34 17.33 16.59
N LEU A 266 24.91 17.29 17.78
CA LEU A 266 24.33 18.04 18.87
C LEU A 266 24.62 19.55 18.67
N GLU A 267 25.81 19.87 18.23
CA GLU A 267 26.12 21.23 17.81
C GLU A 267 25.14 21.72 16.73
N ALA A 268 24.86 20.89 15.75
CA ALA A 268 23.89 21.19 14.69
C ALA A 268 22.41 21.32 15.18
N SER A 269 22.14 20.86 16.40
CA SER A 269 20.78 20.90 17.01
C SER A 269 20.44 22.19 17.76
N ARG A 270 21.44 23.06 17.94
CA ARG A 270 21.33 24.16 18.95
C ARG A 270 20.20 25.15 18.73
N GLY A 271 19.76 25.29 17.50
CA GLY A 271 18.52 26.11 17.25
C GLY A 271 17.17 25.48 17.64
N ASP A 272 17.14 24.18 17.93
CA ASP A 272 15.87 23.46 17.94
C ASP A 272 15.12 23.60 19.26
N ASP A 273 13.82 23.34 19.24
CA ASP A 273 12.96 23.26 20.45
C ASP A 273 13.39 22.16 21.44
N PHE A 274 13.75 21.02 20.91
CA PHE A 274 14.26 19.89 21.74
C PHE A 274 15.15 19.02 20.87
N VAL A 275 15.91 18.14 21.50
CA VAL A 275 16.56 17.09 20.77
C VAL A 275 16.08 15.70 21.30
N GLY A 276 15.94 14.75 20.38
CA GLY A 276 15.54 13.47 20.75
C GLY A 276 16.74 12.68 20.97
N ILE A 277 16.83 12.02 22.13
CA ILE A 277 17.96 11.15 22.39
C ILE A 277 17.55 9.67 22.38
N GLN A 278 18.31 8.87 21.65
CA GLN A 278 18.06 7.45 21.44
C GLN A 278 19.36 6.73 21.83
N THR A 279 19.29 5.93 22.89
CA THR A 279 20.50 5.35 23.53
C THR A 279 20.12 4.00 24.10
N TYR A 280 20.97 2.98 23.90
CA TYR A 280 20.75 1.62 24.34
C TYR A 280 21.84 1.10 25.32
N GLY A 281 23.10 1.35 24.98
CA GLY A 281 24.24 1.00 25.84
C GLY A 281 25.45 1.89 25.58
N ARG A 282 26.61 1.51 26.13
CA ARG A 282 27.89 2.12 25.79
C ARG A 282 28.51 1.48 24.59
N THR A 283 29.37 2.23 23.93
CA THR A 283 30.07 1.69 22.79
C THR A 283 31.53 1.94 23.09
N VAL A 284 32.32 0.84 23.16
CA VAL A 284 33.71 0.90 23.63
C VAL A 284 34.71 0.66 22.51
N TYR A 285 35.71 1.54 22.46
CA TYR A 285 36.79 1.44 21.46
C TYR A 285 38.14 1.13 22.10
N GLY A 286 38.83 0.14 21.55
CA GLY A 286 40.24 -0.15 21.92
C GLY A 286 41.16 0.14 20.74
N PRO A 287 42.38 -0.43 20.72
CA PRO A 287 43.36 -0.13 19.63
C PRO A 287 42.92 -0.66 18.26
N ASP A 288 42.06 -1.64 18.23
CA ASP A 288 41.54 -2.14 16.96
C ASP A 288 40.11 -1.70 16.76
N GLY A 289 39.74 -0.53 17.26
CA GLY A 289 38.39 -0.04 17.03
C GLY A 289 37.41 -0.69 17.99
N HIS A 290 36.19 -0.95 17.51
CA HIS A 290 35.10 -1.38 18.35
C HIS A 290 35.39 -2.68 19.13
N ALA A 291 35.26 -2.61 20.44
CA ALA A 291 35.36 -3.78 21.26
C ALA A 291 34.07 -4.07 21.95
N PRO A 292 33.40 -5.10 21.54
CA PRO A 292 32.30 -5.56 22.38
C PRO A 292 33.25 -5.92 23.56
N ALA A 293 32.82 -5.40 24.70
CA ALA A 293 33.78 -4.93 25.66
C ALA A 293 34.02 -6.03 26.60
N PRO A 294 34.53 -5.80 27.79
CA PRO A 294 34.46 -6.86 28.79
C PRO A 294 33.07 -7.17 29.36
N GLU A 295 32.93 -8.47 29.64
CA GLU A 295 31.72 -9.26 29.45
C GLU A 295 30.45 -9.02 30.28
N GLY A 296 30.66 -8.81 31.54
CA GLY A 296 29.59 -9.04 32.43
C GLY A 296 28.50 -8.18 31.89
N VAL A 297 27.34 -8.81 31.97
CA VAL A 297 26.09 -8.28 32.40
C VAL A 297 25.12 -8.08 31.27
N ALA A 298 25.51 -8.50 30.08
CA ALA A 298 24.66 -8.90 29.04
C ALA A 298 25.73 -9.80 28.43
N VAL A 299 25.35 -10.69 27.55
CA VAL A 299 24.00 -11.18 27.47
C VAL A 299 22.81 -10.24 27.25
N ASN A 300 22.86 -9.21 26.41
CA ASN A 300 21.56 -8.93 25.68
C ASN A 300 21.25 -10.12 24.75
N GLN A 301 20.21 -10.03 23.93
CA GLN A 301 19.95 -11.08 22.92
C GLN A 301 20.96 -11.11 21.78
N MET A 302 21.54 -9.97 21.46
CA MET A 302 22.55 -9.86 20.39
C MET A 302 23.96 -10.16 20.87
N GLY A 303 24.12 -10.58 22.11
CA GLY A 303 25.46 -10.62 22.71
C GLY A 303 26.17 -9.29 22.93
N GLU A 304 25.45 -8.17 22.99
CA GLU A 304 25.98 -6.90 23.53
C GLU A 304 25.77 -6.74 25.09
N GLU A 305 26.52 -5.83 25.67
CA GLU A 305 26.54 -5.52 27.10
C GLU A 305 25.24 -4.83 27.46
N ILE A 306 24.68 -5.13 28.63
CA ILE A 306 23.44 -4.52 29.10
C ILE A 306 23.92 -3.41 30.00
N TYR A 307 23.65 -2.16 29.60
CA TYR A 307 24.22 -1.04 30.23
C TYR A 307 23.20 0.11 30.11
N PRO A 308 22.07 0.03 30.85
CA PRO A 308 21.15 1.19 30.72
C PRO A 308 21.67 2.47 31.42
N GLN A 309 22.79 2.36 32.14
CA GLN A 309 23.52 3.54 32.63
C GLN A 309 23.91 4.49 31.51
N ALA A 310 24.03 3.98 30.30
CA ALA A 310 24.35 4.84 29.12
C ALA A 310 23.42 6.04 28.97
N LEU A 311 22.12 5.84 29.27
CA LEU A 311 21.10 6.85 28.94
C LEU A 311 21.38 8.09 29.70
N GLU A 312 21.57 7.94 31.01
CA GLU A 312 21.87 9.10 31.83
C GLU A 312 23.10 9.79 31.23
N ALA A 313 24.13 9.04 30.88
CA ALA A 313 25.36 9.70 30.32
C ALA A 313 25.08 10.49 29.02
N THR A 314 24.25 9.95 28.13
CA THR A 314 23.96 10.67 26.85
C THR A 314 23.01 11.83 27.00
N ILE A 315 22.19 11.78 28.06
CA ILE A 315 21.27 12.89 28.37
C ILE A 315 22.14 14.08 28.84
N ARG A 316 23.05 13.78 29.76
CA ARG A 316 23.99 14.80 30.26
C ARG A 316 24.82 15.44 29.13
N GLU A 317 25.40 14.61 28.28
CA GLU A 317 26.12 15.04 27.09
C GLU A 317 25.26 15.95 26.22
N ALA A 318 24.00 15.61 26.02
CA ALA A 318 23.17 16.36 25.11
C ALA A 318 22.87 17.73 25.66
N TRP A 319 22.68 17.79 26.98
CA TRP A 319 22.36 19.05 27.70
C TRP A 319 23.55 19.99 27.62
N ARG A 320 24.70 19.42 27.93
CA ARG A 320 25.98 20.12 27.86
C ARG A 320 26.30 20.71 26.47
N VAL A 321 26.18 19.89 25.43
CA VAL A 321 26.66 20.24 24.12
C VAL A 321 25.64 21.11 23.36
N ALA A 322 24.37 20.70 23.41
CA ALA A 322 23.30 21.36 22.67
C ALA A 322 22.53 22.41 23.42
N GLY A 323 22.43 22.21 24.74
CA GLY A 323 21.83 23.18 25.67
C GLY A 323 20.36 23.45 25.41
N ILE A 324 19.64 22.42 24.99
CA ILE A 324 18.22 22.54 24.73
C ILE A 324 17.51 21.38 25.41
N PRO A 325 16.18 21.47 25.56
CA PRO A 325 15.47 20.41 26.24
C PRO A 325 15.69 19.07 25.50
N VAL A 326 15.76 17.99 26.24
CA VAL A 326 15.95 16.65 25.69
C VAL A 326 14.65 15.88 25.84
N MET A 327 14.27 15.11 24.82
CA MET A 327 13.30 14.03 25.02
C MET A 327 13.93 12.71 24.66
N VAL A 328 13.77 11.69 25.52
CA VAL A 328 14.26 10.35 25.23
C VAL A 328 13.25 9.71 24.30
N THR A 329 13.59 9.66 23.03
CA THR A 329 12.65 9.19 21.97
C THR A 329 12.81 7.70 21.66
N GLU A 330 13.90 7.12 22.12
CA GLU A 330 14.07 5.66 22.18
C GLU A 330 14.99 5.27 23.32
N ASN A 331 14.68 4.10 23.91
CA ASN A 331 15.47 3.43 24.89
C ASN A 331 14.82 2.07 25.20
N GLY A 332 15.63 1.01 25.25
CA GLY A 332 15.04 -0.31 25.52
C GLY A 332 16.10 -1.40 25.50
N LEU A 333 15.65 -2.62 25.23
CA LEU A 333 16.53 -3.78 25.34
C LEU A 333 16.02 -4.93 24.51
N ALA A 334 16.97 -5.52 23.78
CA ALA A 334 16.71 -6.66 23.00
C ALA A 334 16.96 -7.83 23.93
N THR A 335 15.88 -8.53 24.31
CA THR A 335 16.00 -9.74 25.12
C THR A 335 14.81 -10.62 24.97
N GLU A 336 15.06 -11.91 25.00
CA GLU A 336 13.98 -12.86 25.08
C GLU A 336 13.51 -13.10 26.50
N ASP A 337 14.17 -12.53 27.50
CA ASP A 337 13.72 -12.70 28.87
C ASP A 337 13.26 -11.34 29.40
N ASP A 338 11.95 -11.12 29.46
CA ASP A 338 11.36 -9.80 29.84
C ASP A 338 11.74 -9.34 31.25
N THR A 339 12.08 -10.25 32.18
CA THR A 339 12.51 -9.82 33.52
C THR A 339 13.80 -8.97 33.40
N GLN A 340 14.67 -9.26 32.42
CA GLN A 340 15.80 -8.39 32.15
C GLN A 340 15.37 -7.01 31.65
N ARG A 341 14.34 -6.97 30.82
CA ARG A 341 13.84 -5.69 30.30
C ARG A 341 13.25 -4.87 31.42
N VAL A 342 12.59 -5.52 32.37
CA VAL A 342 12.06 -4.77 33.51
C VAL A 342 13.19 -4.10 34.33
N ALA A 343 14.20 -4.89 34.70
CA ALA A 343 15.32 -4.36 35.45
C ALA A 343 16.01 -3.26 34.65
N TYR A 344 16.23 -3.45 33.34
CA TYR A 344 16.80 -2.40 32.53
C TYR A 344 16.04 -1.09 32.59
N LEU A 345 14.70 -1.15 32.45
CA LEU A 345 13.89 0.05 32.45
C LEU A 345 13.89 0.79 33.77
N ARG A 346 13.89 0.04 34.87
CA ARG A 346 13.99 0.65 36.21
C ARG A 346 15.21 1.54 36.25
N THR A 347 16.34 1.04 35.74
CA THR A 347 17.59 1.78 35.82
C THR A 347 17.53 2.99 34.89
N ALA A 348 17.00 2.79 33.67
CA ALA A 348 16.93 3.89 32.67
C ALA A 348 16.05 5.01 33.19
N VAL A 349 14.88 4.67 33.76
CA VAL A 349 14.01 5.65 34.41
C VAL A 349 14.72 6.33 35.56
N ASP A 350 15.46 5.59 36.37
CA ASP A 350 16.33 6.25 37.35
C ASP A 350 17.29 7.24 36.72
N GLY A 351 17.89 6.87 35.56
CA GLY A 351 18.78 7.77 34.84
C GLY A 351 18.10 9.09 34.47
N VAL A 352 16.93 8.97 33.84
CA VAL A 352 16.07 10.13 33.64
C VAL A 352 15.77 10.96 34.86
N ALA A 353 15.34 10.32 35.95
CA ALA A 353 14.97 11.09 37.18
C ALA A 353 16.20 11.81 37.67
N SER A 354 17.32 11.08 37.67
CA SER A 354 18.57 11.71 38.13
C SER A 354 18.94 12.99 37.30
N CYS A 355 18.75 12.96 35.98
CA CYS A 355 19.04 14.14 35.19
C CYS A 355 18.09 15.27 35.55
N LEU A 356 16.82 14.96 35.75
CA LEU A 356 15.79 15.95 36.05
C LEU A 356 16.00 16.58 37.41
N ALA A 357 16.38 15.77 38.37
CA ALA A 357 16.69 16.26 39.70
C ALA A 357 17.96 17.16 39.68
N ASP A 358 18.70 17.11 38.59
CA ASP A 358 19.81 18.00 38.41
C ASP A 358 19.51 19.21 37.57
N GLY A 359 18.24 19.54 37.32
CA GLY A 359 17.93 20.71 36.49
C GLY A 359 18.03 20.52 34.96
N ILE A 360 18.25 19.29 34.48
CA ILE A 360 18.25 19.06 33.03
C ILE A 360 16.75 19.03 32.59
N ASP A 361 16.39 19.83 31.58
CA ASP A 361 15.05 19.85 31.01
C ASP A 361 14.79 18.65 30.14
N VAL A 362 14.40 17.53 30.77
CA VAL A 362 13.97 16.34 30.02
C VAL A 362 12.43 16.32 29.89
N ARG A 363 11.91 16.07 28.70
CA ARG A 363 10.47 16.29 28.42
C ARG A 363 9.65 15.03 28.16
N GLY A 364 10.33 13.88 28.08
CA GLY A 364 9.66 12.64 28.06
C GLY A 364 10.61 11.49 27.99
N TYR A 365 10.02 10.32 28.17
CA TYR A 365 10.67 9.03 28.09
C TYR A 365 9.78 8.06 27.23
N ILE A 366 10.35 7.64 26.11
CA ILE A 366 9.66 6.81 25.14
C ILE A 366 10.47 5.54 24.89
N ALA A 367 9.91 4.42 25.32
CA ALA A 367 10.59 3.13 25.22
C ALA A 367 10.51 2.58 23.79
N TRP A 368 11.65 2.12 23.27
CA TRP A 368 11.68 1.27 22.09
C TRP A 368 11.55 -0.17 22.58
N THR A 369 10.59 -0.97 22.09
CA THR A 369 9.56 -0.56 21.15
C THR A 369 8.19 -1.07 21.64
N ALA A 370 7.11 -0.58 21.05
CA ALA A 370 5.82 -1.04 21.51
C ALA A 370 5.60 -2.56 21.31
N PHE A 371 5.87 -3.06 20.11
CA PHE A 371 5.57 -4.44 19.78
C PHE A 371 6.82 -5.09 19.18
N ASP A 372 7.07 -6.37 19.52
CA ASP A 372 8.17 -7.11 18.87
C ASP A 372 7.95 -6.98 17.39
N ASN A 373 9.01 -6.70 16.63
CA ASN A 373 8.80 -6.27 15.28
C ASN A 373 9.97 -6.57 14.37
N PHE A 374 9.99 -5.94 13.18
CA PHE A 374 11.03 -6.12 12.14
C PHE A 374 12.23 -5.29 12.48
N GLU A 375 13.28 -5.94 12.98
CA GLU A 375 14.48 -5.23 13.39
C GLU A 375 15.42 -5.11 12.23
N TRP A 376 14.98 -4.36 11.22
CA TRP A 376 15.76 -4.12 10.02
C TRP A 376 16.47 -5.41 9.48
N ILE A 377 17.80 -5.36 9.29
CA ILE A 377 18.57 -6.45 8.65
C ILE A 377 18.57 -7.78 9.43
N PHE A 378 18.22 -7.76 10.70
CA PHE A 378 18.19 -8.98 11.49
C PHE A 378 16.80 -9.56 11.54
N GLY A 379 15.85 -8.91 10.85
CA GLY A 379 14.44 -9.37 10.81
C GLY A 379 13.75 -9.57 12.16
N TYR A 380 13.03 -10.68 12.29
CA TYR A 380 12.13 -10.87 13.44
C TYR A 380 12.82 -11.51 14.61
N GLY A 381 14.08 -11.87 14.45
CA GLY A 381 14.81 -12.49 15.57
C GLY A 381 14.87 -11.58 16.80
N PRO A 382 15.46 -10.38 16.66
CA PRO A 382 15.62 -9.54 17.82
C PRO A 382 14.29 -9.05 18.37
N LYS A 383 14.10 -9.22 19.67
CA LYS A 383 12.86 -8.90 20.37
C LYS A 383 13.09 -7.66 21.28
N PHE A 384 12.52 -6.53 20.88
CA PHE A 384 12.68 -5.25 21.59
C PHE A 384 11.37 -4.82 22.24
N GLY A 385 10.29 -5.50 21.90
CA GLY A 385 8.98 -5.08 22.31
C GLY A 385 8.63 -5.22 23.78
N LEU A 386 7.85 -4.25 24.27
CA LEU A 386 7.21 -4.38 25.57
C LEU A 386 5.89 -5.12 25.40
N ILE A 387 5.45 -5.36 24.16
CA ILE A 387 4.26 -6.15 23.92
C ILE A 387 4.56 -7.22 22.90
N ALA A 388 4.26 -8.49 23.24
CA ALA A 388 4.44 -9.58 22.31
C ALA A 388 3.34 -9.59 21.24
N VAL A 389 3.72 -10.02 20.04
CA VAL A 389 2.81 -10.29 18.93
C VAL A 389 3.13 -11.63 18.31
N ASP A 390 2.15 -12.51 18.36
CA ASP A 390 2.19 -13.75 17.60
C ASP A 390 1.83 -13.35 16.15
N ARG A 391 2.82 -13.25 15.32
CA ARG A 391 2.62 -12.76 13.97
C ARG A 391 1.71 -13.65 13.14
N SER A 392 1.65 -14.92 13.46
CA SER A 392 0.82 -15.82 12.69
C SER A 392 -0.69 -15.48 12.86
N THR A 393 -1.11 -15.03 14.03
CA THR A 393 -2.47 -14.64 14.29
C THR A 393 -2.63 -13.12 14.48
N GLN A 394 -1.50 -12.43 14.65
CA GLN A 394 -1.38 -11.00 15.00
C GLN A 394 -1.93 -10.63 16.35
N GLU A 395 -2.06 -11.62 17.24
CA GLU A 395 -2.54 -11.32 18.56
C GLU A 395 -1.44 -10.65 19.42
N ARG A 396 -1.86 -9.65 20.19
CA ARG A 396 -0.97 -8.86 21.06
C ARG A 396 -1.14 -9.35 22.46
N THR A 397 -0.03 -9.54 23.18
CA THR A 397 -0.01 -9.86 24.59
C THR A 397 1.03 -9.02 25.27
N PRO A 398 0.60 -8.06 26.08
CA PRO A 398 1.54 -7.26 26.83
C PRO A 398 2.50 -8.06 27.69
N LYS A 399 3.76 -7.65 27.80
CA LYS A 399 4.72 -8.29 28.71
C LYS A 399 4.73 -7.51 29.97
N GLU A 400 5.29 -8.09 31.05
CA GLU A 400 5.37 -7.37 32.31
C GLU A 400 5.99 -5.98 32.19
N SER A 401 6.99 -5.82 31.33
CA SER A 401 7.64 -4.54 31.13
C SER A 401 6.69 -3.41 30.70
N ALA A 402 5.74 -3.75 29.83
CA ALA A 402 4.65 -2.84 29.45
C ALA A 402 3.83 -2.49 30.68
N ARG A 403 3.45 -3.46 31.49
CA ARG A 403 2.61 -3.09 32.68
C ARG A 403 3.44 -2.25 33.68
N TRP A 404 4.71 -2.60 33.85
CA TRP A 404 5.57 -1.95 34.82
C TRP A 404 5.70 -0.48 34.42
N LEU A 405 6.17 -0.24 33.20
CA LEU A 405 6.42 1.10 32.72
C LEU A 405 5.14 1.94 32.58
N GLY A 406 4.14 1.34 31.97
CA GLY A 406 2.77 1.91 31.89
C GLY A 406 2.20 2.36 33.23
N ASN A 407 2.35 1.50 34.20
CA ASN A 407 1.87 1.80 35.53
C ASN A 407 2.79 2.80 36.21
N PHE A 408 4.08 2.77 35.95
CA PHE A 408 4.90 3.85 36.50
C PHE A 408 4.40 5.24 36.02
N ALA A 409 4.10 5.36 34.71
CA ALA A 409 3.62 6.58 34.12
C ALA A 409 2.37 7.06 34.81
N ARG A 410 1.43 6.14 34.99
CA ARG A 410 0.14 6.41 35.58
C ARG A 410 0.28 6.88 36.99
N GLN A 411 1.28 6.33 37.69
CA GLN A 411 1.49 6.68 39.07
C GLN A 411 2.28 7.97 39.27
N GLN A 412 2.64 8.69 38.18
CA GLN A 412 3.13 10.09 38.30
C GLN A 412 2.05 11.19 38.18
N ALA A 413 0.82 10.85 37.79
CA ALA A 413 -0.28 11.86 37.65
C ALA A 413 -0.82 12.39 38.98
N PRO A 414 -1.14 13.70 39.05
CA PRO A 414 -1.71 14.17 40.33
C PRO A 414 -2.99 13.41 40.69
N ALA A 415 -3.43 13.52 41.93
CA ALA A 415 -4.69 12.95 42.40
C ALA A 415 -5.44 14.02 43.23
N GLU A 416 -6.17 14.91 42.56
CA GLU A 416 -6.96 15.96 43.23
C GLU A 416 -8.42 15.83 42.81
N ALA A 417 -9.32 16.29 43.66
CA ALA A 417 -10.73 16.28 43.32
C ALA A 417 -11.01 17.51 42.42
N PRO A 418 -12.13 17.46 41.67
CA PRO A 418 -12.55 18.57 40.82
C PRO A 418 -12.71 19.87 41.61
N GLN A 419 -12.37 20.98 40.97
CA GLN A 419 -12.21 22.28 41.59
C GLN A 419 -13.05 23.24 40.68
N PRO A 420 -13.87 24.15 41.27
CA PRO A 420 -14.52 25.12 40.36
C PRO A 420 -13.48 25.83 39.49
N ALA A 421 -13.80 26.04 38.21
CA ALA A 421 -12.85 26.58 37.23
C ALA A 421 -13.26 27.95 36.72
N ASN B 5 -42.80 -10.90 -12.16
CA ASN B 5 -41.54 -10.83 -12.88
C ASN B 5 -41.33 -12.11 -13.61
N PRO B 6 -40.54 -12.09 -14.66
CA PRO B 6 -39.88 -13.29 -15.12
C PRO B 6 -38.48 -13.42 -14.47
N PHE B 7 -38.16 -12.52 -13.55
CA PHE B 7 -36.90 -12.64 -12.80
C PHE B 7 -37.14 -13.62 -11.67
N PRO B 8 -36.35 -14.72 -11.64
CA PRO B 8 -36.52 -15.64 -10.53
C PRO B 8 -36.18 -15.04 -9.17
N GLN B 9 -36.52 -15.80 -8.17
CA GLN B 9 -36.51 -15.33 -6.80
C GLN B 9 -35.13 -14.83 -6.41
N ASP B 10 -34.12 -15.55 -6.87
CA ASP B 10 -32.74 -15.35 -6.40
C ASP B 10 -31.79 -14.69 -7.46
N PHE B 11 -32.36 -14.03 -8.45
CA PHE B 11 -31.62 -13.25 -9.44
C PHE B 11 -30.86 -12.13 -8.76
N LEU B 12 -29.59 -12.03 -9.06
CA LEU B 12 -28.74 -11.02 -8.46
C LEU B 12 -28.93 -9.66 -9.15
N TRP B 13 -29.04 -8.61 -8.33
CA TRP B 13 -29.10 -7.21 -8.84
C TRP B 13 -27.92 -6.53 -8.21
N GLY B 14 -26.94 -6.16 -9.04
CA GLY B 14 -25.69 -5.58 -8.54
C GLY B 14 -25.17 -4.34 -9.25
N VAL B 15 -24.12 -3.81 -8.65
CA VAL B 15 -23.22 -2.89 -9.29
C VAL B 15 -21.85 -3.50 -9.09
N ALA B 16 -20.92 -3.09 -9.93
CA ALA B 16 -19.62 -3.73 -10.02
C ALA B 16 -18.59 -2.69 -10.02
N THR B 17 -17.46 -3.04 -9.44
CA THR B 17 -16.22 -2.27 -9.56
C THR B 17 -15.02 -3.21 -9.84
N ALA B 18 -13.87 -2.59 -10.09
CA ALA B 18 -12.55 -3.23 -10.23
C ALA B 18 -11.58 -2.56 -9.29
N GLY B 19 -10.71 -3.34 -8.67
CA GLY B 19 -9.94 -2.80 -7.57
C GLY B 19 -9.04 -1.67 -8.06
N HIS B 20 -8.45 -1.80 -9.25
CA HIS B 20 -7.54 -0.76 -9.70
C HIS B 20 -8.31 0.54 -10.00
N GLN B 21 -9.58 0.43 -10.40
CA GLN B 21 -10.30 1.60 -10.82
C GLN B 21 -10.86 2.40 -9.67
N VAL B 22 -11.01 1.77 -8.49
CA VAL B 22 -11.71 2.42 -7.35
C VAL B 22 -10.96 2.51 -6.00
N GLU B 23 -10.00 1.63 -5.80
CA GLU B 23 -9.42 1.43 -4.44
C GLU B 23 -8.46 2.51 -4.01
N GLY B 24 -7.63 2.98 -4.93
CA GLY B 24 -6.58 3.93 -4.67
C GLY B 24 -5.33 3.24 -4.22
N ASN B 25 -4.18 3.80 -4.57
CA ASN B 25 -2.89 3.32 -4.11
C ASN B 25 -2.68 1.87 -4.44
N ASN B 26 -2.89 1.50 -5.71
CA ASN B 26 -2.51 0.14 -6.16
C ASN B 26 -1.10 0.10 -6.69
N VAL B 27 -0.19 0.57 -5.84
CA VAL B 27 1.16 0.92 -6.18
C VAL B 27 2.07 -0.23 -6.61
N ASN B 28 1.70 -1.47 -6.28
CA ASN B 28 2.48 -2.61 -6.68
C ASN B 28 2.01 -3.24 -7.96
N SER B 29 0.97 -2.70 -8.59
CA SER B 29 0.41 -3.30 -9.80
C SER B 29 1.15 -2.93 -11.06
N ASP B 30 1.04 -3.74 -12.09
CA ASP B 30 1.60 -3.43 -13.36
C ASP B 30 1.02 -2.14 -13.98
N VAL B 31 -0.29 -1.95 -13.86
CA VAL B 31 -0.92 -0.75 -14.37
C VAL B 31 -0.39 0.55 -13.76
N TRP B 32 -0.28 0.58 -12.43
CA TRP B 32 0.30 1.70 -11.73
C TRP B 32 1.63 2.08 -12.41
N PHE B 33 2.45 1.03 -12.63
CA PHE B 33 3.79 1.20 -13.21
C PHE B 33 3.66 1.84 -14.63
N LEU B 34 2.75 1.30 -15.46
CA LEU B 34 2.53 1.79 -16.80
C LEU B 34 2.02 3.25 -16.82
N GLU B 35 1.20 3.63 -15.83
CA GLU B 35 0.69 5.00 -15.71
C GLU B 35 1.79 6.07 -15.53
N HIS B 36 2.94 5.66 -14.97
CA HIS B 36 4.00 6.62 -14.64
C HIS B 36 5.23 6.56 -15.54
N LEU B 37 5.18 5.72 -16.58
CA LEU B 37 6.25 5.67 -17.57
C LEU B 37 6.29 6.91 -18.50
N PRO B 38 7.49 7.39 -18.79
CA PRO B 38 7.64 8.47 -19.77
C PRO B 38 6.77 8.43 -21.03
N GLY B 39 6.76 7.38 -21.84
CA GLY B 39 5.90 7.50 -23.06
C GLY B 39 4.52 6.84 -22.91
N THR B 40 3.93 6.91 -21.71
CA THR B 40 2.70 6.18 -21.39
C THR B 40 1.50 6.57 -22.25
N ILE B 41 0.60 5.62 -22.43
CA ILE B 41 -0.64 5.93 -23.16
C ILE B 41 -1.71 6.31 -22.16
N PHE B 42 -1.47 6.10 -20.86
CA PHE B 42 -2.45 6.48 -19.83
C PHE B 42 -2.50 7.99 -19.72
N ALA B 43 -3.67 8.58 -19.90
CA ALA B 43 -3.83 10.02 -19.90
C ALA B 43 -3.49 10.63 -18.53
N GLU B 44 -3.76 9.91 -17.45
CA GLU B 44 -3.43 10.37 -16.10
C GLU B 44 -3.31 9.15 -15.17
N PRO B 45 -2.58 9.30 -14.07
CA PRO B 45 -2.41 8.24 -13.09
C PRO B 45 -3.68 7.99 -12.35
N SER B 46 -3.85 6.77 -11.87
CA SER B 46 -5.00 6.46 -11.02
C SER B 46 -4.92 7.11 -9.65
N GLY B 47 -3.73 7.27 -9.07
CA GLY B 47 -3.58 7.84 -7.72
C GLY B 47 -4.48 7.19 -6.65
N ASP B 48 -5.29 8.01 -5.98
CA ASP B 48 -6.24 7.60 -4.97
C ASP B 48 -7.54 6.99 -5.48
N ALA B 49 -7.83 7.15 -6.78
CA ALA B 49 -9.08 6.72 -7.35
C ALA B 49 -10.22 7.29 -6.48
N VAL B 50 -11.13 6.47 -5.98
CA VAL B 50 -12.16 6.95 -5.06
C VAL B 50 -11.94 6.42 -3.65
N ASP B 51 -10.71 6.00 -3.35
CA ASP B 51 -10.34 5.46 -2.04
C ASP B 51 -11.31 4.42 -1.46
N HIS B 52 -11.81 3.53 -2.33
CA HIS B 52 -12.65 2.41 -1.92
C HIS B 52 -11.95 1.46 -0.93
N TYR B 53 -10.61 1.37 -0.99
CA TYR B 53 -9.85 0.56 -0.04
C TYR B 53 -10.21 0.98 1.39
N HIS B 54 -10.29 2.29 1.63
CA HIS B 54 -10.61 2.74 2.99
C HIS B 54 -12.08 2.93 3.31
N ARG B 55 -12.90 3.16 2.30
CA ARG B 55 -14.29 3.57 2.51
C ARG B 55 -15.23 2.44 2.21
N TYR B 56 -14.73 1.23 2.05
CA TYR B 56 -15.63 0.18 1.54
C TYR B 56 -16.89 -0.04 2.37
N ARG B 57 -16.80 0.18 3.68
CA ARG B 57 -17.94 -0.13 4.52
C ARG B 57 -19.08 0.77 4.21
N GLU B 58 -18.78 2.05 4.07
CA GLU B 58 -19.73 3.09 3.78
C GLU B 58 -20.26 2.84 2.36
N ASP B 59 -19.35 2.46 1.43
CA ASP B 59 -19.75 2.19 0.07
C ASP B 59 -20.78 1.05 -0.06
N ILE B 60 -20.56 -0.03 0.70
CA ILE B 60 -21.42 -1.19 0.73
C ILE B 60 -22.74 -0.88 1.45
N ALA B 61 -22.70 -0.19 2.59
CA ALA B 61 -24.00 0.28 3.19
C ALA B 61 -24.84 1.09 2.19
N LEU B 62 -24.19 2.02 1.49
CA LEU B 62 -24.89 2.86 0.46
C LEU B 62 -25.52 1.99 -0.64
N ILE B 63 -24.67 1.15 -1.24
CA ILE B 63 -25.09 0.14 -2.26
C ILE B 63 -26.31 -0.60 -1.78
N ALA B 64 -26.21 -1.20 -0.59
CA ALA B 64 -27.31 -1.97 -0.02
C ALA B 64 -28.56 -1.10 0.29
N GLY B 65 -28.35 0.08 0.85
CA GLY B 65 -29.43 1.02 1.12
C GLY B 65 -30.24 1.39 -0.11
N LEU B 66 -29.57 1.47 -1.27
CA LEU B 66 -30.26 1.77 -2.52
C LEU B 66 -31.13 0.63 -3.03
N GLY B 67 -30.91 -0.56 -2.53
CA GLY B 67 -31.73 -1.70 -2.91
C GLY B 67 -31.04 -2.81 -3.63
N PHE B 68 -29.74 -2.72 -3.87
CA PHE B 68 -29.09 -3.78 -4.64
C PHE B 68 -28.99 -5.01 -3.78
N THR B 69 -28.91 -6.21 -4.36
CA THR B 69 -28.73 -7.44 -3.55
C THR B 69 -27.39 -8.13 -3.72
N SER B 70 -26.50 -7.50 -4.49
CA SER B 70 -25.25 -8.13 -4.81
C SER B 70 -24.20 -7.08 -5.08
N TYR B 71 -22.93 -7.42 -4.92
CA TYR B 71 -21.83 -6.47 -5.18
C TYR B 71 -20.69 -7.26 -5.82
N ARG B 72 -20.22 -6.76 -6.97
CA ARG B 72 -19.12 -7.37 -7.70
C ARG B 72 -17.94 -6.51 -7.56
N PHE B 73 -16.80 -7.09 -7.22
CA PHE B 73 -15.59 -6.31 -6.98
C PHE B 73 -14.41 -7.23 -7.14
N SER B 74 -13.21 -6.70 -7.34
CA SER B 74 -12.03 -7.57 -7.43
C SER B 74 -11.24 -7.72 -6.12
N VAL B 75 -10.54 -8.84 -6.01
CA VAL B 75 -9.40 -8.94 -5.13
C VAL B 75 -8.12 -8.81 -5.96
N GLU B 76 -7.17 -8.04 -5.44
CA GLU B 76 -6.04 -7.56 -6.27
C GLU B 76 -4.84 -8.39 -5.95
N TRP B 77 -4.43 -9.17 -6.92
CA TRP B 77 -3.20 -10.01 -6.78
C TRP B 77 -1.98 -9.19 -6.35
N ALA B 78 -1.88 -7.97 -6.89
CA ALA B 78 -0.81 -7.04 -6.59
C ALA B 78 -0.64 -6.75 -5.07
N ARG B 79 -1.77 -6.74 -4.33
CA ARG B 79 -1.73 -6.58 -2.86
C ARG B 79 -1.61 -7.96 -2.13
N ILE B 80 -2.19 -9.04 -2.67
CA ILE B 80 -2.20 -10.34 -1.98
C ILE B 80 -0.85 -11.07 -2.05
N GLU B 81 -0.16 -10.93 -3.19
CA GLU B 81 1.17 -11.53 -3.38
C GLU B 81 2.14 -10.46 -3.86
N PRO B 82 2.65 -9.63 -2.94
CA PRO B 82 3.41 -8.42 -3.42
C PRO B 82 4.79 -8.75 -4.03
N GLU B 83 5.36 -9.90 -3.64
CA GLU B 83 6.53 -10.43 -4.31
C GLU B 83 6.22 -11.90 -4.49
N GLU B 84 6.74 -12.46 -5.57
CA GLU B 84 6.42 -13.80 -5.98
C GLU B 84 6.72 -14.70 -4.80
N GLY B 85 5.72 -15.43 -4.34
CA GLY B 85 5.96 -16.41 -3.27
C GLY B 85 5.81 -15.84 -1.87
N HIS B 86 5.54 -14.53 -1.74
CA HIS B 86 5.37 -13.89 -0.44
C HIS B 86 3.98 -13.34 -0.28
N PHE B 87 3.08 -14.12 0.30
CA PHE B 87 1.66 -13.74 0.42
C PHE B 87 1.46 -12.83 1.62
N SER B 88 0.58 -11.83 1.48
CA SER B 88 0.18 -10.96 2.57
C SER B 88 -1.12 -11.38 3.16
N VAL B 89 -1.06 -11.92 4.39
CA VAL B 89 -2.23 -12.28 5.20
C VAL B 89 -2.98 -10.94 5.57
N ALA B 90 -2.26 -9.84 5.74
CA ALA B 90 -2.97 -8.59 6.07
C ALA B 90 -3.79 -8.09 4.92
N ALA B 91 -3.30 -8.27 3.67
CA ALA B 91 -4.14 -7.92 2.52
C ALA B 91 -5.34 -8.87 2.41
N LEU B 92 -5.11 -10.17 2.67
CA LEU B 92 -6.22 -11.10 2.69
C LEU B 92 -7.28 -10.72 3.73
N ASP B 93 -6.88 -10.30 4.95
CA ASP B 93 -7.86 -9.91 6.00
C ASP B 93 -8.62 -8.67 5.58
N HIS B 94 -7.94 -7.76 4.94
CA HIS B 94 -8.67 -6.64 4.36
C HIS B 94 -9.83 -7.10 3.52
N TYR B 95 -9.57 -8.03 2.60
CA TYR B 95 -10.63 -8.44 1.71
C TYR B 95 -11.65 -9.29 2.42
N LYS B 96 -11.18 -10.09 3.39
CA LYS B 96 -12.08 -10.74 4.27
C LYS B 96 -13.07 -9.77 4.91
N ARG B 97 -12.61 -8.63 5.38
CA ARG B 97 -13.52 -7.60 5.93
C ARG B 97 -14.45 -6.99 4.91
N VAL B 98 -13.99 -6.92 3.66
CA VAL B 98 -14.89 -6.41 2.62
C VAL B 98 -16.07 -7.36 2.44
N LEU B 99 -15.78 -8.66 2.40
CA LEU B 99 -16.82 -9.67 2.28
C LEU B 99 -17.76 -9.77 3.48
N GLU B 100 -17.19 -9.62 4.70
CA GLU B 100 -17.98 -9.52 5.91
C GLU B 100 -18.90 -8.32 5.89
N ALA B 101 -18.40 -7.17 5.49
CA ALA B 101 -19.31 -6.04 5.25
C ALA B 101 -20.50 -6.37 4.26
N CYS B 102 -20.19 -6.98 3.12
CA CYS B 102 -21.22 -7.34 2.14
C CYS B 102 -22.32 -8.18 2.82
N ARG B 103 -21.92 -9.25 3.49
CA ARG B 103 -22.85 -10.14 4.12
C ARG B 103 -23.61 -9.46 5.24
N GLU B 104 -22.93 -8.65 6.04
CA GLU B 104 -23.62 -7.87 7.07
C GLU B 104 -24.73 -6.97 6.48
N HIS B 105 -24.56 -6.52 5.24
CA HIS B 105 -25.55 -5.73 4.57
C HIS B 105 -26.48 -6.49 3.62
N GLY B 106 -26.39 -7.81 3.63
CA GLY B 106 -27.27 -8.68 2.87
C GLY B 106 -26.89 -8.82 1.40
N LEU B 107 -25.67 -8.44 1.02
CA LEU B 107 -25.27 -8.42 -0.40
C LEU B 107 -24.49 -9.67 -0.76
N THR B 108 -24.93 -10.36 -1.82
CA THR B 108 -24.23 -11.52 -2.28
C THR B 108 -22.95 -11.02 -2.93
N PRO B 109 -21.80 -11.45 -2.39
CA PRO B 109 -20.58 -10.96 -3.05
C PRO B 109 -20.22 -11.78 -4.27
N VAL B 110 -19.98 -11.08 -5.39
CA VAL B 110 -19.41 -11.66 -6.61
C VAL B 110 -17.97 -11.14 -6.73
N VAL B 111 -17.02 -12.03 -6.57
CA VAL B 111 -15.60 -11.70 -6.53
C VAL B 111 -14.92 -12.08 -7.83
N THR B 112 -14.32 -11.08 -8.47
CA THR B 112 -13.37 -11.23 -9.59
C THR B 112 -11.93 -11.36 -9.06
N PHE B 113 -11.31 -12.51 -9.29
CA PHE B 113 -9.99 -12.85 -8.75
C PHE B 113 -8.83 -12.12 -9.46
N HIS B 114 -9.11 -11.65 -10.68
CA HIS B 114 -8.24 -10.82 -11.46
C HIS B 114 -9.08 -9.97 -12.40
N HIS B 115 -8.80 -8.67 -12.43
CA HIS B 115 -9.50 -7.71 -13.21
C HIS B 115 -8.44 -6.79 -13.72
N PHE B 116 -7.70 -7.32 -14.70
CA PHE B 116 -6.65 -6.67 -15.52
C PHE B 116 -5.33 -6.37 -14.81
N ALA B 117 -5.40 -5.73 -13.65
CA ALA B 117 -4.20 -5.50 -12.86
C ALA B 117 -3.62 -6.79 -12.22
N SER B 118 -2.29 -6.91 -12.40
CA SER B 118 -1.43 -7.95 -11.96
C SER B 118 -0.28 -7.39 -11.07
N PRO B 119 0.39 -8.24 -10.27
CA PRO B 119 1.56 -7.69 -9.58
C PRO B 119 2.63 -7.28 -10.63
N LEU B 120 3.37 -6.20 -10.34
CA LEU B 120 4.38 -5.76 -11.28
C LEU B 120 5.39 -6.92 -11.55
N TRP B 121 5.79 -7.65 -10.51
CA TRP B 121 6.76 -8.73 -10.69
C TRP B 121 6.33 -9.75 -11.75
N LEU B 122 5.04 -9.95 -11.93
CA LEU B 122 4.55 -10.91 -12.90
C LEU B 122 4.98 -10.48 -14.30
N LEU B 123 5.01 -9.18 -14.55
CA LEU B 123 5.48 -8.71 -15.87
C LEU B 123 6.96 -9.04 -16.19
N ARG B 124 7.84 -9.11 -15.17
CA ARG B 124 9.21 -9.61 -15.39
C ARG B 124 9.31 -11.05 -15.82
N SER B 125 8.30 -11.87 -15.59
CA SER B 125 8.40 -13.27 -16.02
C SER B 125 7.55 -13.55 -17.29
N GLY B 126 7.25 -12.51 -18.06
CA GLY B 126 6.58 -12.64 -19.34
C GLY B 126 5.07 -12.48 -19.21
N GLY B 127 4.58 -12.14 -18.00
CA GLY B 127 3.20 -11.70 -17.79
C GLY B 127 2.18 -12.73 -18.28
N TRP B 128 1.22 -12.28 -19.05
CA TRP B 128 0.17 -13.19 -19.53
C TRP B 128 0.48 -13.95 -20.79
N GLU B 129 1.77 -13.97 -21.14
CA GLU B 129 2.37 -14.96 -21.97
C GLU B 129 3.29 -15.90 -21.24
N GLY B 130 3.50 -15.67 -19.97
CA GLY B 130 4.44 -16.46 -19.15
C GLY B 130 3.91 -17.86 -18.92
N GLU B 131 4.72 -18.85 -19.25
CA GLU B 131 4.29 -20.20 -19.05
C GLU B 131 4.13 -20.61 -17.59
N ARG B 132 4.69 -19.96 -16.60
CA ARG B 132 4.37 -20.32 -15.18
C ARG B 132 3.11 -19.57 -14.69
N THR B 133 2.64 -18.58 -15.46
CA THR B 133 1.48 -17.77 -15.06
C THR B 133 0.22 -18.55 -14.67
N PRO B 134 -0.13 -19.64 -15.41
CA PRO B 134 -1.34 -20.36 -14.97
C PRO B 134 -1.22 -20.91 -13.58
N GLU B 135 -0.06 -21.52 -13.23
CA GLU B 135 0.11 -22.23 -11.94
C GLU B 135 0.30 -21.20 -10.81
N LEU B 136 0.91 -20.06 -11.13
CA LEU B 136 1.00 -18.93 -10.15
C LEU B 136 -0.38 -18.39 -9.87
N PHE B 137 -1.13 -18.08 -10.92
CA PHE B 137 -2.51 -17.62 -10.75
C PHE B 137 -3.43 -18.56 -9.95
N ALA B 138 -3.38 -19.83 -10.28
CA ALA B 138 -4.03 -20.85 -9.49
C ALA B 138 -3.61 -20.92 -8.01
N ARG B 139 -2.31 -20.85 -7.74
CA ARG B 139 -1.81 -20.82 -6.40
C ARG B 139 -2.37 -19.60 -5.62
N TYR B 140 -2.24 -18.42 -6.23
CA TYR B 140 -2.89 -17.22 -5.69
C TYR B 140 -4.40 -17.41 -5.40
N CYS B 141 -5.15 -17.97 -6.35
CA CYS B 141 -6.58 -18.15 -6.13
C CYS B 141 -6.85 -19.08 -4.94
N GLY B 142 -6.02 -20.11 -4.80
CA GLY B 142 -5.99 -21.00 -3.63
C GLY B 142 -5.79 -20.26 -2.30
N ARG B 143 -4.77 -19.41 -2.21
CA ARG B 143 -4.54 -18.64 -0.97
C ARG B 143 -5.67 -17.76 -0.59
N VAL B 144 -6.34 -17.23 -1.60
CA VAL B 144 -7.47 -16.37 -1.29
C VAL B 144 -8.59 -17.23 -0.76
N MET B 145 -8.82 -18.36 -1.38
CA MET B 145 -9.87 -19.26 -0.92
C MET B 145 -9.61 -19.78 0.50
N ALA B 146 -8.34 -20.00 0.81
CA ALA B 146 -7.96 -20.53 2.09
C ALA B 146 -8.27 -19.51 3.09
N HIS B 147 -8.19 -18.22 2.76
CA HIS B 147 -8.40 -17.18 3.76
C HIS B 147 -9.84 -16.78 3.86
N LEU B 148 -10.59 -16.86 2.78
CA LEU B 148 -11.88 -16.22 2.77
C LEU B 148 -12.92 -16.85 1.86
N GLY B 149 -12.61 -18.02 1.32
CA GLY B 149 -13.47 -18.64 0.32
C GLY B 149 -14.91 -18.87 0.79
N ASP B 150 -15.08 -19.15 2.08
CA ASP B 150 -16.43 -19.40 2.58
C ASP B 150 -17.38 -18.21 2.52
N LEU B 151 -16.87 -16.98 2.30
CA LEU B 151 -17.71 -15.80 2.28
C LEU B 151 -18.05 -15.35 0.86
N ILE B 152 -17.50 -16.02 -0.18
CA ILE B 152 -17.75 -15.64 -1.57
C ILE B 152 -19.11 -16.23 -2.05
N GLY B 153 -19.94 -15.40 -2.67
CA GLY B 153 -21.23 -15.88 -3.17
C GLY B 153 -21.06 -16.47 -4.57
N VAL B 154 -20.30 -15.81 -5.45
CA VAL B 154 -20.05 -16.31 -6.83
C VAL B 154 -18.65 -15.91 -7.20
N ALA B 155 -18.00 -16.70 -8.05
CA ALA B 155 -16.58 -16.42 -8.37
C ALA B 155 -16.41 -16.24 -9.87
N CYS B 156 -15.73 -15.13 -10.23
CA CYS B 156 -15.28 -14.78 -11.55
C CYS B 156 -13.77 -14.89 -11.55
N THR B 157 -13.23 -15.83 -12.29
CA THR B 157 -11.76 -16.03 -12.34
C THR B 157 -11.07 -14.81 -12.99
N LEU B 158 -11.42 -14.57 -14.24
CA LEU B 158 -10.71 -13.65 -15.07
C LEU B 158 -11.69 -12.67 -15.72
N ASN B 159 -11.35 -11.37 -15.73
CA ASN B 159 -12.17 -10.34 -16.39
C ASN B 159 -11.70 -10.12 -17.84
N GLU B 160 -12.59 -10.36 -18.80
CA GLU B 160 -12.36 -9.96 -20.18
C GLU B 160 -11.05 -10.36 -20.83
N PRO B 161 -10.78 -11.65 -20.83
CA PRO B 161 -9.56 -12.13 -21.47
C PRO B 161 -9.51 -11.73 -22.92
N ASN B 162 -10.70 -11.64 -23.52
CA ASN B 162 -10.85 -11.35 -24.92
C ASN B 162 -10.88 -9.89 -25.32
N LEU B 163 -10.90 -8.95 -24.36
CA LEU B 163 -10.90 -7.51 -24.73
C LEU B 163 -9.86 -7.13 -25.75
N PRO B 164 -8.56 -7.46 -25.51
CA PRO B 164 -7.60 -6.91 -26.47
C PRO B 164 -7.76 -7.38 -27.91
N TRP B 165 -8.31 -8.59 -28.13
CA TRP B 165 -8.69 -9.00 -29.47
C TRP B 165 -9.71 -8.04 -30.09
N LEU B 166 -10.78 -7.71 -29.36
CA LEU B 166 -11.76 -6.73 -29.85
C LEU B 166 -11.09 -5.41 -30.24
N LEU B 167 -10.19 -4.93 -29.38
CA LEU B 167 -9.51 -3.68 -29.65
C LEU B 167 -8.62 -3.80 -30.88
N GLU B 168 -7.96 -4.93 -31.02
CA GLU B 168 -7.14 -5.15 -32.22
C GLU B 168 -7.92 -4.92 -33.50
N SER B 169 -9.17 -5.36 -33.52
CA SER B 169 -10.04 -5.17 -34.68
C SER B 169 -10.29 -3.72 -34.99
N PHE B 170 -10.09 -2.83 -34.01
CA PHE B 170 -10.08 -1.38 -34.29
C PHE B 170 -8.66 -0.90 -34.63
N GLY B 171 -7.71 -1.78 -34.93
CA GLY B 171 -6.27 -1.44 -34.92
C GLY B 171 -5.75 -0.69 -33.68
N ILE B 172 -6.01 -1.20 -32.47
CA ILE B 172 -5.70 -0.42 -31.25
C ILE B 172 -4.63 -1.06 -30.37
N GLY B 173 -4.25 -2.27 -30.69
CA GLY B 173 -3.07 -2.85 -30.09
C GLY B 173 -2.73 -4.01 -30.97
N GLY B 174 -2.19 -5.07 -30.38
CA GLY B 174 -1.99 -6.32 -31.09
C GLY B 174 -0.78 -6.32 -32.02
N GLU B 175 0.19 -5.42 -31.81
CA GLU B 175 1.53 -5.54 -32.44
C GLU B 175 2.05 -6.95 -32.20
N ALA B 176 2.73 -7.54 -33.17
CA ALA B 176 3.37 -8.81 -32.87
C ALA B 176 4.35 -8.60 -31.70
N PRO B 177 4.66 -9.66 -30.97
CA PRO B 177 5.60 -9.44 -29.90
C PRO B 177 6.95 -8.82 -30.30
N GLU B 178 7.45 -9.17 -31.50
CA GLU B 178 8.74 -8.61 -32.02
C GLU B 178 8.69 -7.12 -32.25
N ASN B 179 7.50 -6.55 -32.28
CA ASN B 179 7.35 -5.15 -32.53
C ASN B 179 6.91 -4.34 -31.33
N ARG B 180 6.84 -4.96 -30.15
CA ARG B 180 6.40 -4.27 -28.97
C ARG B 180 7.34 -3.17 -28.64
N GLY B 181 8.60 -3.40 -28.92
CA GLY B 181 9.67 -2.44 -28.71
C GLY B 181 9.41 -1.13 -29.44
N LYS B 182 8.59 -1.17 -30.49
CA LYS B 182 8.34 0.03 -31.29
C LYS B 182 7.33 0.93 -30.60
N VAL B 183 6.55 0.41 -29.64
CA VAL B 183 5.67 1.32 -28.91
C VAL B 183 6.40 1.93 -27.74
N PRO B 184 6.39 3.26 -27.61
CA PRO B 184 7.16 3.90 -26.57
C PRO B 184 6.89 3.35 -25.19
N MET B 185 5.63 3.17 -24.82
CA MET B 185 5.33 2.71 -23.47
C MET B 185 5.96 1.36 -23.16
N TRP B 186 5.93 0.43 -24.13
CA TRP B 186 6.55 -0.87 -23.95
C TRP B 186 8.05 -0.77 -23.87
N ALA B 187 8.65 0.12 -24.65
CA ALA B 187 10.14 0.31 -24.66
C ALA B 187 10.58 0.83 -23.33
N ALA B 188 9.78 1.73 -22.76
CA ALA B 188 10.05 2.29 -21.43
C ALA B 188 9.79 1.25 -20.35
N ALA B 189 8.74 0.46 -20.53
CA ALA B 189 8.46 -0.56 -19.53
C ALA B 189 9.61 -1.55 -19.46
N ALA B 190 10.00 -2.01 -20.65
CA ALA B 190 11.14 -2.93 -20.86
C ALA B 190 12.42 -2.46 -20.15
N GLN B 191 12.80 -1.22 -20.43
CA GLN B 191 14.07 -0.66 -19.95
C GLN B 191 14.07 -0.62 -18.45
N ARG B 192 12.92 -0.29 -17.87
CA ARG B 192 12.87 -0.16 -16.40
C ARG B 192 12.82 -1.53 -15.70
N LEU B 193 12.39 -2.55 -16.42
CA LEU B 193 12.26 -3.87 -15.85
C LEU B 193 13.51 -4.72 -16.15
N GLY B 194 14.39 -4.23 -17.00
CA GLY B 194 15.60 -5.00 -17.39
C GLY B 194 15.28 -6.12 -18.36
N VAL B 195 14.16 -6.00 -19.07
CA VAL B 195 13.69 -7.07 -19.92
C VAL B 195 13.51 -6.59 -21.38
N ASP B 196 13.52 -7.52 -22.33
CA ASP B 196 13.18 -7.22 -23.69
C ASP B 196 11.70 -6.93 -23.83
N ALA B 197 11.37 -5.87 -24.59
CA ALA B 197 9.95 -5.46 -24.90
C ALA B 197 9.07 -6.50 -25.52
N SER B 198 9.64 -7.38 -26.34
CA SER B 198 8.84 -8.49 -26.87
C SER B 198 8.16 -9.36 -25.79
N THR B 199 8.60 -9.23 -24.54
CA THR B 199 8.29 -10.12 -23.38
C THR B 199 7.18 -9.41 -22.54
N VAL B 200 7.01 -8.12 -22.72
CA VAL B 200 6.11 -7.31 -21.88
C VAL B 200 4.65 -7.61 -22.34
N ALA B 201 3.82 -8.17 -21.44
CA ALA B 201 2.48 -8.64 -21.82
C ALA B 201 1.47 -8.49 -20.71
N PRO B 202 1.11 -7.24 -20.34
CA PRO B 202 0.00 -7.19 -19.34
C PRO B 202 -1.28 -7.72 -19.91
N PHE B 203 -2.13 -8.28 -19.03
CA PHE B 203 -3.34 -8.99 -19.42
C PHE B 203 -4.21 -8.34 -20.52
N GLN B 204 -4.51 -7.05 -20.36
CA GLN B 204 -5.51 -6.40 -21.18
C GLN B 204 -4.97 -5.91 -22.51
N PHE B 205 -3.67 -6.05 -22.74
CA PHE B 205 -3.07 -5.72 -24.04
C PHE B 205 -2.64 -6.94 -24.85
N CYS B 206 -2.79 -8.14 -24.29
CA CYS B 206 -2.19 -9.35 -24.82
C CYS B 206 -3.24 -10.14 -25.59
N SER B 207 -3.17 -10.05 -26.91
CA SER B 207 -4.10 -10.72 -27.85
C SER B 207 -3.40 -11.69 -28.82
N THR B 208 -2.49 -12.45 -28.27
CA THR B 208 -1.52 -13.21 -28.97
C THR B 208 -1.97 -14.68 -28.80
N GLU B 209 -1.50 -15.62 -29.61
CA GLU B 209 -1.87 -17.03 -29.36
C GLU B 209 -1.40 -17.56 -28.02
N ALA B 210 -0.20 -17.21 -27.63
CA ALA B 210 0.34 -17.54 -26.35
C ALA B 210 -0.51 -17.02 -25.21
N GLY B 211 -1.08 -15.82 -25.37
CA GLY B 211 -1.83 -15.19 -24.30
C GLY B 211 -3.21 -15.85 -24.23
N PHE B 212 -3.75 -16.24 -25.40
CA PHE B 212 -4.97 -17.07 -25.38
C PHE B 212 -4.71 -18.34 -24.55
N ASN B 213 -3.66 -19.09 -24.87
CA ASN B 213 -3.41 -20.37 -24.14
C ASN B 213 -3.13 -20.12 -22.67
N VAL B 214 -2.40 -19.08 -22.35
CA VAL B 214 -2.10 -18.78 -20.99
C VAL B 214 -3.33 -18.34 -20.18
N LYS B 215 -4.11 -17.46 -20.74
CA LYS B 215 -5.40 -17.06 -20.13
C LYS B 215 -6.34 -18.24 -19.92
N LEU B 216 -6.59 -19.02 -20.96
CA LEU B 216 -7.41 -20.20 -20.82
C LEU B 216 -6.90 -21.16 -19.72
N ALA B 217 -5.59 -21.44 -19.71
CA ALA B 217 -5.02 -22.40 -18.77
C ALA B 217 -5.15 -21.79 -17.40
N ALA B 218 -5.05 -20.48 -17.31
CA ALA B 218 -5.14 -19.89 -15.96
C ALA B 218 -6.60 -20.03 -15.43
N HIS B 219 -7.54 -19.72 -16.27
CA HIS B 219 -8.97 -19.87 -15.94
C HIS B 219 -9.28 -21.31 -15.47
N LYS B 220 -8.83 -22.30 -16.24
CA LYS B 220 -9.07 -23.69 -15.87
C LYS B 220 -8.38 -24.08 -14.54
N ALA B 221 -7.11 -23.74 -14.39
CA ALA B 221 -6.41 -24.10 -13.16
C ALA B 221 -6.98 -23.38 -11.97
N ALA B 222 -7.37 -22.11 -12.15
CA ALA B 222 -8.06 -21.36 -11.10
C ALA B 222 -9.38 -22.00 -10.70
N THR B 223 -10.19 -22.34 -11.69
CA THR B 223 -11.46 -23.01 -11.42
C THR B 223 -11.21 -24.25 -10.56
N GLU B 224 -10.25 -25.06 -10.93
CA GLU B 224 -9.96 -26.29 -10.15
C GLU B 224 -9.50 -25.89 -8.71
N ALA B 225 -8.65 -24.88 -8.57
CA ALA B 225 -8.22 -24.43 -7.19
C ALA B 225 -9.37 -23.93 -6.30
N ILE B 226 -10.35 -23.27 -6.92
CA ILE B 226 -11.47 -22.72 -6.19
C ILE B 226 -12.44 -23.82 -5.82
N LYS B 227 -12.74 -24.69 -6.76
CA LYS B 227 -13.53 -25.92 -6.39
C LYS B 227 -12.90 -26.83 -5.34
N ALA B 228 -11.58 -26.91 -5.24
CA ALA B 228 -10.98 -27.69 -4.14
C ALA B 228 -11.38 -27.15 -2.78
N HIS B 229 -11.68 -25.85 -2.68
CA HIS B 229 -12.20 -25.29 -1.46
C HIS B 229 -13.73 -25.35 -1.38
N ARG B 230 -14.39 -25.01 -2.47
CA ARG B 230 -15.83 -24.80 -2.49
C ARG B 230 -16.47 -25.45 -3.70
N PRO B 231 -16.57 -26.77 -3.76
CA PRO B 231 -17.17 -27.39 -4.95
C PRO B 231 -18.58 -26.89 -5.31
N ASP B 232 -19.36 -26.45 -4.32
CA ASP B 232 -20.63 -25.73 -4.53
C ASP B 232 -20.54 -24.32 -5.13
N LEU B 233 -19.41 -23.68 -5.07
CA LEU B 233 -19.36 -22.30 -5.55
C LEU B 233 -19.35 -22.27 -7.06
N ARG B 234 -20.19 -21.39 -7.59
CA ARG B 234 -20.35 -21.27 -9.03
C ARG B 234 -19.17 -20.41 -9.55
N VAL B 235 -18.52 -20.94 -10.58
CA VAL B 235 -17.35 -20.31 -11.13
C VAL B 235 -17.46 -20.11 -12.63
N GLY B 236 -17.01 -18.95 -13.07
CA GLY B 236 -16.87 -18.68 -14.51
C GLY B 236 -15.94 -17.52 -14.77
N TRP B 237 -15.75 -17.19 -16.05
CA TRP B 237 -15.02 -15.99 -16.40
C TRP B 237 -15.92 -15.00 -17.12
N THR B 238 -15.45 -13.76 -17.32
CA THR B 238 -16.32 -12.76 -17.95
C THR B 238 -15.78 -12.38 -19.29
N LEU B 239 -16.67 -12.07 -20.23
CA LEU B 239 -16.21 -11.86 -21.58
C LEU B 239 -16.60 -10.50 -22.08
N ALA B 240 -15.69 -9.87 -22.82
CA ALA B 240 -15.99 -8.57 -23.48
C ALA B 240 -16.65 -8.81 -24.81
N ASN B 241 -17.94 -9.10 -24.76
CA ASN B 241 -18.72 -9.46 -25.92
C ASN B 241 -19.70 -8.36 -26.37
N SER B 242 -19.32 -7.72 -27.45
CA SER B 242 -20.11 -6.71 -28.10
C SER B 242 -21.08 -7.43 -29.04
N ASP B 243 -22.11 -6.72 -29.44
CA ASP B 243 -23.08 -7.17 -30.45
C ASP B 243 -22.47 -6.79 -31.77
N ILE B 244 -21.87 -7.77 -32.43
CA ILE B 244 -21.05 -7.47 -33.57
C ILE B 244 -21.91 -7.49 -34.80
N GLN B 245 -21.98 -6.38 -35.52
CA GLN B 245 -22.91 -6.32 -36.69
C GLN B 245 -22.18 -5.89 -37.96
N SER B 246 -22.85 -6.02 -39.11
CA SER B 246 -22.26 -5.51 -40.35
C SER B 246 -23.21 -4.56 -41.03
N VAL B 247 -22.63 -3.79 -41.94
CA VAL B 247 -23.35 -3.18 -43.06
C VAL B 247 -22.82 -3.87 -44.32
N PRO B 248 -23.62 -3.93 -45.41
CA PRO B 248 -23.09 -4.40 -46.71
C PRO B 248 -21.65 -3.96 -47.00
N GLY B 249 -20.79 -4.94 -47.24
CA GLY B 249 -19.34 -4.75 -47.37
C GLY B 249 -18.58 -5.33 -46.17
N GLY B 250 -19.19 -5.30 -44.99
CA GLY B 250 -18.53 -5.71 -43.73
C GLY B 250 -18.78 -7.14 -43.24
N GLU B 251 -19.44 -7.98 -44.04
CA GLU B 251 -19.86 -9.31 -43.55
C GLU B 251 -18.70 -10.22 -43.11
N GLU B 252 -17.64 -10.30 -43.88
CA GLU B 252 -16.54 -11.22 -43.58
C GLU B 252 -15.76 -10.66 -42.42
N ILE B 253 -15.53 -9.35 -42.45
CA ILE B 253 -14.87 -8.70 -41.33
C ILE B 253 -15.65 -8.98 -40.06
N ALA B 254 -16.97 -8.69 -40.09
CA ALA B 254 -17.83 -8.92 -38.93
C ALA B 254 -17.85 -10.35 -38.46
N ALA B 255 -18.02 -11.31 -39.38
CA ALA B 255 -17.92 -12.75 -38.99
C ALA B 255 -16.60 -13.10 -38.33
N GLN B 256 -15.51 -12.54 -38.84
CA GLN B 256 -14.17 -12.79 -38.32
C GLN B 256 -14.06 -12.39 -36.88
N VAL B 257 -14.46 -11.14 -36.63
CA VAL B 257 -14.38 -10.58 -35.29
C VAL B 257 -15.29 -11.35 -34.38
N ARG B 258 -16.51 -11.66 -34.83
CA ARG B 258 -17.48 -12.48 -34.07
C ARG B 258 -16.89 -13.85 -33.65
N ARG B 259 -16.25 -14.54 -34.61
CA ARG B 259 -15.52 -15.76 -34.31
C ARG B 259 -14.28 -15.62 -33.40
N ASP B 260 -13.34 -14.69 -33.64
CA ASP B 260 -12.13 -14.68 -32.81
C ASP B 260 -12.37 -14.11 -31.42
N VAL B 261 -13.29 -13.16 -31.31
CA VAL B 261 -13.47 -12.45 -30.05
C VAL B 261 -14.59 -13.05 -29.17
N ASN B 262 -15.77 -13.27 -29.74
CA ASN B 262 -16.90 -13.81 -28.96
C ASN B 262 -17.04 -15.38 -28.96
N GLU B 263 -17.18 -15.96 -30.13
CA GLU B 263 -17.45 -17.39 -30.20
C GLU B 263 -16.31 -18.28 -29.69
N ARG B 264 -15.07 -18.00 -30.08
CA ARG B 264 -13.92 -18.76 -29.59
C ARG B 264 -13.92 -18.80 -28.08
N PHE B 265 -14.12 -17.64 -27.43
CA PHE B 265 -14.17 -17.59 -25.96
C PHE B 265 -15.39 -18.22 -25.37
N LEU B 266 -16.56 -18.08 -26.00
CA LEU B 266 -17.78 -18.79 -25.50
C LEU B 266 -17.57 -20.29 -25.63
N GLU B 267 -16.91 -20.73 -26.72
CA GLU B 267 -16.65 -22.20 -26.86
C GLU B 267 -15.78 -22.69 -25.71
N ALA B 268 -14.78 -21.92 -25.43
CA ALA B 268 -13.84 -22.22 -24.38
C ALA B 268 -14.48 -22.24 -23.01
N SER B 269 -15.72 -21.74 -22.91
CA SER B 269 -16.41 -21.59 -21.67
C SER B 269 -17.32 -22.76 -21.43
N ARG B 270 -17.39 -23.71 -22.36
CA ARG B 270 -18.44 -24.69 -22.29
C ARG B 270 -18.44 -25.54 -21.08
N GLY B 271 -17.31 -25.76 -20.44
CA GLY B 271 -17.45 -26.54 -19.19
C GLY B 271 -17.94 -25.81 -17.93
N ASP B 272 -18.04 -24.49 -17.96
CA ASP B 272 -18.12 -23.74 -16.71
C ASP B 272 -19.54 -23.71 -16.14
N ASP B 273 -19.71 -23.18 -14.94
CA ASP B 273 -21.01 -23.11 -14.28
C ASP B 273 -21.85 -21.96 -14.87
N PHE B 274 -21.19 -20.89 -15.27
CA PHE B 274 -21.89 -19.78 -15.92
C PHE B 274 -20.82 -19.07 -16.68
N VAL B 275 -21.19 -18.18 -17.62
CA VAL B 275 -20.28 -17.22 -18.27
C VAL B 275 -20.82 -15.80 -17.95
N GLY B 276 -19.92 -14.91 -17.60
CA GLY B 276 -20.28 -13.54 -17.27
C GLY B 276 -20.26 -12.79 -18.58
N ILE B 277 -21.37 -12.18 -18.96
CA ILE B 277 -21.41 -11.37 -20.20
C ILE B 277 -21.34 -9.88 -19.90
N GLN B 278 -20.42 -9.18 -20.61
CA GLN B 278 -20.15 -7.75 -20.39
C GLN B 278 -20.32 -7.06 -21.73
N THR B 279 -21.35 -6.25 -21.82
CA THR B 279 -21.73 -5.69 -23.08
C THR B 279 -22.21 -4.30 -22.88
N TYR B 280 -21.93 -3.43 -23.83
CA TYR B 280 -22.24 -1.98 -23.76
C TYR B 280 -22.96 -1.50 -25.02
N GLY B 281 -22.59 -2.01 -26.19
CA GLY B 281 -23.14 -1.48 -27.45
C GLY B 281 -22.85 -2.42 -28.60
N ARG B 282 -23.19 -1.97 -29.78
CA ARG B 282 -22.83 -2.75 -30.96
C ARG B 282 -21.54 -2.21 -31.57
N THR B 283 -20.80 -3.10 -32.20
CA THR B 283 -19.67 -2.71 -32.97
C THR B 283 -20.02 -3.09 -34.40
N VAL B 284 -20.02 -2.09 -35.26
CA VAL B 284 -20.47 -2.24 -36.63
C VAL B 284 -19.29 -2.19 -37.61
N TYR B 285 -19.16 -3.19 -38.47
CA TYR B 285 -18.07 -3.22 -39.47
C TYR B 285 -18.65 -3.06 -40.90
N GLY B 286 -18.06 -2.14 -41.65
CA GLY B 286 -18.38 -1.92 -43.06
C GLY B 286 -17.21 -2.34 -43.93
N PRO B 287 -17.26 -2.00 -45.23
CA PRO B 287 -16.20 -2.42 -46.15
C PRO B 287 -14.80 -1.94 -45.70
N ASP B 288 -14.76 -0.77 -45.07
CA ASP B 288 -13.52 -0.16 -44.57
C ASP B 288 -13.24 -0.50 -43.10
N GLY B 289 -13.72 -1.63 -42.62
CA GLY B 289 -13.48 -2.02 -41.22
C GLY B 289 -14.47 -1.34 -40.31
N HIS B 290 -14.00 -0.91 -39.14
CA HIS B 290 -14.86 -0.48 -38.03
C HIS B 290 -15.60 0.82 -38.38
N ALA B 291 -16.91 0.84 -38.19
CA ALA B 291 -17.72 1.95 -38.68
C ALA B 291 -18.05 2.93 -37.55
N PRO B 292 -18.10 4.24 -37.87
CA PRO B 292 -18.40 5.25 -36.86
C PRO B 292 -19.90 5.29 -36.67
N ALA B 293 -20.37 5.90 -35.58
CA ALA B 293 -21.82 6.01 -35.36
C ALA B 293 -22.53 6.64 -36.59
N PRO B 294 -23.73 6.22 -36.89
CA PRO B 294 -24.54 6.80 -37.96
C PRO B 294 -25.13 8.16 -37.58
N GLU B 295 -25.84 8.84 -38.49
CA GLU B 295 -26.59 10.06 -38.09
C GLU B 295 -27.68 9.31 -37.32
N GLY B 296 -27.32 8.72 -36.18
CA GLY B 296 -28.22 7.90 -35.40
C GLY B 296 -28.27 8.05 -33.91
N VAL B 297 -28.71 9.22 -33.48
CA VAL B 297 -28.91 9.51 -32.04
C VAL B 297 -27.50 9.67 -31.45
N ALA B 298 -27.30 9.39 -30.16
CA ALA B 298 -27.43 10.02 -28.84
C ALA B 298 -26.26 11.13 -28.57
N VAL B 299 -25.00 10.79 -28.33
CA VAL B 299 -24.42 9.45 -28.64
C VAL B 299 -23.77 9.20 -27.26
N ASN B 300 -22.84 8.29 -27.01
CA ASN B 300 -22.31 8.28 -25.64
C ASN B 300 -21.14 9.26 -25.47
N GLN B 301 -20.70 9.45 -24.24
CA GLN B 301 -19.53 10.28 -23.98
C GLN B 301 -18.36 9.99 -24.96
N MET B 302 -18.04 8.73 -25.26
CA MET B 302 -16.99 8.41 -26.25
C MET B 302 -17.40 8.58 -27.73
N GLY B 303 -18.57 9.15 -28.03
CA GLY B 303 -19.08 9.14 -29.40
C GLY B 303 -19.52 7.80 -29.97
N GLU B 304 -19.62 6.76 -29.16
CA GLU B 304 -20.18 5.49 -29.62
C GLU B 304 -21.69 5.53 -29.50
N GLU B 305 -22.34 4.86 -30.43
CA GLU B 305 -23.81 4.79 -30.46
C GLU B 305 -24.44 4.26 -29.15
N ILE B 306 -25.49 4.91 -28.64
CA ILE B 306 -26.13 4.42 -27.41
C ILE B 306 -27.09 3.35 -27.87
N TYR B 307 -26.82 2.11 -27.49
CA TYR B 307 -27.39 0.92 -28.06
C TYR B 307 -27.63 -0.17 -27.00
N PRO B 308 -28.60 0.06 -26.13
CA PRO B 308 -28.83 -0.95 -25.08
C PRO B 308 -29.31 -2.30 -25.59
N GLN B 309 -29.89 -2.35 -26.80
CA GLN B 309 -30.35 -3.61 -27.45
C GLN B 309 -29.21 -4.63 -27.64
N ALA B 310 -27.98 -4.12 -27.57
CA ALA B 310 -26.78 -4.96 -27.56
C ALA B 310 -26.82 -6.13 -26.57
N LEU B 311 -27.24 -5.85 -25.34
CA LEU B 311 -27.25 -6.82 -24.27
C LEU B 311 -28.12 -8.03 -24.60
N GLU B 312 -29.34 -7.80 -25.08
CA GLU B 312 -30.19 -8.94 -25.44
C GLU B 312 -29.48 -9.83 -26.45
N ALA B 313 -28.82 -9.21 -27.43
CA ALA B 313 -28.11 -9.93 -28.46
C ALA B 313 -26.99 -10.79 -27.91
N THR B 314 -26.17 -10.24 -27.02
CA THR B 314 -24.99 -10.98 -26.54
C THR B 314 -25.39 -12.11 -25.57
N ILE B 315 -26.53 -11.89 -24.90
CA ILE B 315 -27.07 -12.96 -24.02
C ILE B 315 -27.53 -14.14 -24.88
N ARG B 316 -28.34 -13.86 -25.91
CA ARG B 316 -28.79 -14.86 -26.85
C ARG B 316 -27.61 -15.58 -27.52
N GLU B 317 -26.67 -14.81 -28.01
CA GLU B 317 -25.41 -15.39 -28.50
C GLU B 317 -24.68 -16.38 -27.55
N ALA B 318 -24.54 -15.98 -26.30
CA ALA B 318 -23.84 -16.81 -25.32
C ALA B 318 -24.61 -18.07 -25.05
N TRP B 319 -25.91 -17.97 -24.89
CA TRP B 319 -26.75 -19.16 -24.67
C TRP B 319 -26.57 -20.10 -25.86
N ARG B 320 -26.54 -19.56 -27.06
CA ARG B 320 -26.39 -20.39 -28.24
C ARG B 320 -25.01 -21.06 -28.32
N VAL B 321 -23.92 -20.33 -28.06
CA VAL B 321 -22.56 -20.87 -28.31
C VAL B 321 -22.10 -21.63 -27.06
N ALA B 322 -22.16 -21.02 -25.88
CA ALA B 322 -21.67 -21.63 -24.65
C ALA B 322 -22.66 -22.64 -24.07
N GLY B 323 -23.95 -22.33 -24.19
CA GLY B 323 -24.99 -23.28 -23.73
C GLY B 323 -25.06 -23.41 -22.22
N ILE B 324 -24.55 -22.43 -21.46
CA ILE B 324 -24.62 -22.53 -20.02
C ILE B 324 -25.26 -21.29 -19.43
N PRO B 325 -25.58 -21.28 -18.12
CA PRO B 325 -26.23 -20.05 -17.63
C PRO B 325 -25.43 -18.74 -17.86
N VAL B 326 -26.17 -17.65 -18.00
CA VAL B 326 -25.55 -16.36 -18.30
C VAL B 326 -25.67 -15.46 -17.07
N MET B 327 -24.58 -14.82 -16.64
CA MET B 327 -24.73 -13.70 -15.71
C MET B 327 -24.27 -12.41 -16.39
N VAL B 328 -25.11 -11.40 -16.40
CA VAL B 328 -24.67 -10.08 -16.85
C VAL B 328 -23.78 -9.43 -15.78
N THR B 329 -22.46 -9.55 -15.94
CA THR B 329 -21.51 -9.07 -14.96
C THR B 329 -21.05 -7.63 -15.15
N GLU B 330 -21.30 -7.10 -16.36
CA GLU B 330 -21.24 -5.66 -16.66
C GLU B 330 -22.20 -5.23 -17.73
N ASN B 331 -22.94 -4.15 -17.45
CA ASN B 331 -23.64 -3.35 -18.46
C ASN B 331 -23.80 -1.88 -17.97
N GLY B 332 -23.68 -0.90 -18.87
CA GLY B 332 -23.91 0.47 -18.50
C GLY B 332 -23.57 1.44 -19.61
N LEU B 333 -23.42 2.71 -19.25
CA LEU B 333 -23.27 3.78 -20.22
C LEU B 333 -22.36 4.86 -19.72
N ALA B 334 -21.41 5.26 -20.54
CA ALA B 334 -20.59 6.42 -20.26
C ALA B 334 -21.30 7.68 -20.70
N THR B 335 -21.67 8.50 -19.72
CA THR B 335 -22.39 9.76 -20.07
C THR B 335 -22.38 10.74 -18.91
N GLU B 336 -22.32 12.02 -19.25
CA GLU B 336 -22.53 13.12 -18.33
C GLU B 336 -23.98 13.44 -17.99
N ASP B 337 -24.91 12.93 -18.80
CA ASP B 337 -26.37 13.13 -18.57
C ASP B 337 -27.03 11.82 -18.16
N ASP B 338 -27.30 11.70 -16.86
CA ASP B 338 -27.80 10.46 -16.21
C ASP B 338 -29.19 10.05 -16.71
N THR B 339 -29.96 11.04 -17.19
CA THR B 339 -31.26 10.73 -17.78
C THR B 339 -31.08 9.77 -18.97
N GLN B 340 -29.95 9.89 -19.67
CA GLN B 340 -29.66 8.95 -20.75
C GLN B 340 -29.39 7.61 -20.16
N ARG B 341 -28.69 7.60 -19.03
CA ARG B 341 -28.34 6.31 -18.36
C ARG B 341 -29.57 5.56 -17.89
N VAL B 342 -30.51 6.23 -17.23
CA VAL B 342 -31.77 5.61 -16.82
C VAL B 342 -32.51 4.91 -17.96
N ALA B 343 -32.61 5.61 -19.07
CA ALA B 343 -33.35 5.10 -20.21
C ALA B 343 -32.60 3.89 -20.76
N TYR B 344 -31.27 3.97 -20.81
CA TYR B 344 -30.42 2.87 -21.27
C TYR B 344 -30.61 1.63 -20.40
N LEU B 345 -30.56 1.80 -19.07
CA LEU B 345 -30.67 0.67 -18.14
C LEU B 345 -32.08 0.07 -18.21
N ARG B 346 -33.07 0.93 -18.35
CA ARG B 346 -34.42 0.41 -18.54
C ARG B 346 -34.52 -0.56 -19.76
N THR B 347 -34.13 -0.12 -20.93
CA THR B 347 -34.15 -0.97 -22.08
C THR B 347 -33.23 -2.17 -21.94
N ALA B 348 -32.03 -2.02 -21.36
CA ALA B 348 -31.14 -3.18 -21.24
C ALA B 348 -31.81 -4.24 -20.43
N VAL B 349 -32.39 -3.80 -19.30
CA VAL B 349 -33.04 -4.66 -18.32
C VAL B 349 -34.25 -5.36 -18.96
N ASP B 350 -35.01 -4.62 -19.77
CA ASP B 350 -36.09 -5.21 -20.60
C ASP B 350 -35.52 -6.33 -21.53
N GLY B 351 -34.34 -6.05 -22.11
CA GLY B 351 -33.67 -7.02 -22.93
C GLY B 351 -33.43 -8.31 -22.13
N VAL B 352 -33.02 -8.15 -20.86
CA VAL B 352 -32.72 -9.31 -20.02
C VAL B 352 -33.97 -10.08 -19.72
N ALA B 353 -35.02 -9.37 -19.41
CA ALA B 353 -36.32 -10.00 -19.07
C ALA B 353 -36.92 -10.74 -20.28
N SER B 354 -36.72 -10.16 -21.47
CA SER B 354 -37.16 -10.78 -22.70
C SER B 354 -36.38 -12.10 -22.91
N CYS B 355 -35.09 -12.17 -22.52
CA CYS B 355 -34.33 -13.42 -22.61
C CYS B 355 -34.87 -14.45 -21.61
N LEU B 356 -35.05 -14.01 -20.39
CA LEU B 356 -35.61 -14.82 -19.33
C LEU B 356 -36.94 -15.45 -19.72
N ALA B 357 -37.75 -14.66 -20.38
CA ALA B 357 -39.07 -15.07 -20.73
C ALA B 357 -39.09 -16.14 -21.82
N ASP B 358 -38.03 -16.21 -22.61
CA ASP B 358 -37.81 -17.23 -23.61
C ASP B 358 -37.08 -18.49 -23.07
N GLY B 359 -36.89 -18.58 -21.77
CA GLY B 359 -36.27 -19.77 -21.15
C GLY B 359 -34.74 -19.72 -21.09
N ILE B 360 -34.13 -18.58 -21.39
CA ILE B 360 -32.66 -18.52 -21.32
C ILE B 360 -32.33 -18.30 -19.84
N ASP B 361 -31.38 -19.05 -19.31
CA ASP B 361 -31.14 -19.05 -17.86
C ASP B 361 -30.12 -17.95 -17.56
N VAL B 362 -30.65 -16.77 -17.23
CA VAL B 362 -29.87 -15.64 -16.82
C VAL B 362 -29.89 -15.46 -15.29
N ARG B 363 -28.72 -15.31 -14.66
CA ARG B 363 -28.69 -15.49 -13.21
C ARG B 363 -28.54 -14.20 -12.46
N GLY B 364 -28.31 -13.09 -13.17
CA GLY B 364 -28.01 -11.85 -12.54
C GLY B 364 -27.87 -10.69 -13.53
N TYR B 365 -28.09 -9.50 -13.03
CA TYR B 365 -27.75 -8.26 -13.78
C TYR B 365 -26.89 -7.39 -12.89
N ILE B 366 -25.69 -7.08 -13.35
CA ILE B 366 -24.74 -6.26 -12.57
C ILE B 366 -24.26 -5.05 -13.47
N ALA B 367 -24.58 -3.85 -13.03
CA ALA B 367 -24.35 -2.67 -13.79
C ALA B 367 -22.91 -2.24 -13.57
N TRP B 368 -22.29 -1.75 -14.65
CA TRP B 368 -20.98 -1.04 -14.59
C TRP B 368 -21.35 0.42 -14.60
N THR B 369 -20.99 1.18 -13.57
CA THR B 369 -20.15 0.81 -12.42
C THR B 369 -20.69 1.56 -11.23
N ALA B 370 -20.38 1.10 -10.03
CA ALA B 370 -20.92 1.71 -8.80
C ALA B 370 -20.62 3.20 -8.77
N PHE B 371 -19.34 3.50 -8.93
CA PHE B 371 -18.81 4.85 -8.76
C PHE B 371 -18.05 5.36 -9.99
N ASP B 372 -18.25 6.63 -10.35
CA ASP B 372 -17.45 7.23 -11.38
C ASP B 372 -15.98 7.02 -10.96
N ASN B 373 -15.18 6.50 -11.88
CA ASN B 373 -13.92 5.93 -11.46
C ASN B 373 -12.87 6.13 -12.51
N PHE B 374 -11.71 5.49 -12.32
CA PHE B 374 -10.59 5.60 -13.23
C PHE B 374 -10.84 4.66 -14.42
N GLU B 375 -11.21 5.23 -15.55
CA GLU B 375 -11.47 4.45 -16.75
C GLU B 375 -10.17 4.19 -17.55
N TRP B 376 -9.26 3.44 -16.94
CA TRP B 376 -7.96 3.02 -17.56
C TRP B 376 -7.28 4.15 -18.33
N ILE B 377 -6.96 3.97 -19.62
CA ILE B 377 -6.12 4.99 -20.33
C ILE B 377 -6.80 6.33 -20.54
N PHE B 378 -8.11 6.37 -20.36
CA PHE B 378 -8.90 7.59 -20.45
C PHE B 378 -9.00 8.34 -19.13
N GLY B 379 -8.42 7.80 -18.05
CA GLY B 379 -8.43 8.53 -16.79
C GLY B 379 -9.82 8.76 -16.24
N TYR B 380 -10.04 9.90 -15.56
CA TYR B 380 -11.38 10.19 -14.94
C TYR B 380 -12.42 10.91 -15.88
N GLY B 381 -12.11 11.05 -17.15
CA GLY B 381 -13.04 11.74 -18.05
C GLY B 381 -14.36 11.00 -18.12
N PRO B 382 -14.31 9.72 -18.60
CA PRO B 382 -15.52 8.93 -18.79
C PRO B 382 -16.27 8.69 -17.49
N LYS B 383 -17.59 8.94 -17.52
CA LYS B 383 -18.48 8.72 -16.41
C LYS B 383 -19.42 7.58 -16.66
N PHE B 384 -19.08 6.47 -16.03
CA PHE B 384 -19.86 5.22 -16.11
C PHE B 384 -20.66 4.95 -14.79
N GLY B 385 -20.45 5.74 -13.74
CA GLY B 385 -20.94 5.35 -12.38
C GLY B 385 -22.43 5.60 -12.24
N LEU B 386 -23.10 4.80 -11.44
CA LEU B 386 -24.47 5.12 -11.03
C LEU B 386 -24.45 6.07 -9.81
N ILE B 387 -23.28 6.25 -9.25
CA ILE B 387 -23.05 7.09 -8.08
C ILE B 387 -21.85 8.00 -8.39
N ALA B 388 -22.01 9.32 -8.22
CA ALA B 388 -20.95 10.31 -8.44
C ALA B 388 -20.00 10.35 -7.20
N VAL B 389 -18.70 10.61 -7.44
CA VAL B 389 -17.70 10.84 -6.39
C VAL B 389 -16.98 12.07 -6.76
N ASP B 390 -17.07 13.09 -5.88
CA ASP B 390 -16.24 14.23 -6.03
C ASP B 390 -14.91 13.77 -5.43
N ARG B 391 -13.95 13.56 -6.28
CA ARG B 391 -12.72 13.01 -5.81
C ARG B 391 -11.96 13.91 -4.89
N SER B 392 -12.10 15.22 -5.03
CA SER B 392 -11.39 16.13 -4.13
C SER B 392 -11.76 15.85 -2.67
N THR B 393 -13.05 15.63 -2.38
CA THR B 393 -13.52 15.30 -1.00
C THR B 393 -13.85 13.82 -0.70
N GLN B 394 -13.90 13.01 -1.78
CA GLN B 394 -14.33 11.60 -1.79
C GLN B 394 -15.83 11.42 -1.45
N GLU B 395 -16.58 12.51 -1.52
CA GLU B 395 -18.01 12.51 -1.17
C GLU B 395 -18.78 11.73 -2.25
N ARG B 396 -19.60 10.79 -1.83
CA ARG B 396 -20.42 10.00 -2.76
C ARG B 396 -21.83 10.66 -2.99
N THR B 397 -22.27 10.77 -4.24
CA THR B 397 -23.63 11.23 -4.52
C THR B 397 -24.30 10.30 -5.53
N PRO B 398 -25.27 9.47 -5.08
CA PRO B 398 -26.04 8.58 -5.99
C PRO B 398 -26.72 9.39 -7.07
N LYS B 399 -26.65 8.93 -8.31
CA LYS B 399 -27.31 9.59 -9.41
C LYS B 399 -28.73 9.00 -9.40
N GLU B 400 -29.66 9.58 -10.17
CA GLU B 400 -30.98 8.95 -10.42
C GLU B 400 -30.99 7.46 -10.85
N SER B 401 -30.00 7.08 -11.68
CA SER B 401 -29.86 5.72 -12.19
C SER B 401 -29.61 4.77 -11.06
N ALA B 402 -28.89 5.22 -10.01
CA ALA B 402 -28.68 4.36 -8.82
C ALA B 402 -30.02 4.03 -8.16
N ARG B 403 -30.82 5.07 -8.00
CA ARG B 403 -32.08 4.89 -7.27
C ARG B 403 -33.05 4.14 -8.17
N TRP B 404 -32.99 4.38 -9.49
CA TRP B 404 -33.84 3.64 -10.44
C TRP B 404 -33.61 2.15 -10.39
N LEU B 405 -32.35 1.77 -10.57
CA LEU B 405 -31.99 0.34 -10.66
C LEU B 405 -32.12 -0.35 -9.30
N GLY B 406 -31.60 0.30 -8.25
CA GLY B 406 -31.81 -0.17 -6.86
C GLY B 406 -33.27 -0.50 -6.54
N ASN B 407 -34.14 0.36 -6.99
CA ASN B 407 -35.53 0.29 -6.67
C ASN B 407 -36.18 -0.76 -7.54
N PHE B 408 -35.67 -0.89 -8.77
CA PHE B 408 -36.11 -1.93 -9.65
C PHE B 408 -35.80 -3.28 -9.03
N ALA B 409 -34.61 -3.45 -8.45
CA ALA B 409 -34.20 -4.68 -7.71
C ALA B 409 -35.18 -4.89 -6.59
N ARG B 410 -35.43 -3.83 -5.85
CA ARG B 410 -36.22 -3.94 -4.62
C ARG B 410 -37.58 -4.53 -4.87
N GLN B 411 -38.18 -4.31 -6.05
CA GLN B 411 -39.17 -5.30 -6.60
C GLN B 411 -38.52 -6.35 -7.52
#